data_4WB2
#
_entry.id   4WB2
#
_cell.length_a   46.470
_cell.length_b   282.254
_cell.length_c   45.899
_cell.angle_alpha   90.00
_cell.angle_beta   90.00
_cell.angle_gamma   90.00
#
_symmetry.space_group_name_H-M   'P 21 21 2'
#
loop_
_entity.id
_entity.type
_entity.pdbx_description
1 polymer 'Complement C5'
2 polymer 'mixed L-RNA/L-DNA mirror-image aptamer NOX-D20 (40-MER)'
3 non-polymer 'ACETATE ION'
4 non-polymer 'CALCIUM ION'
5 non-polymer 'MAGNESIUM ION'
6 water water
#
loop_
_entity_poly.entity_id
_entity_poly.type
_entity_poly.pdbx_seq_one_letter_code
_entity_poly.pdbx_strand_id
1 'polypeptide(L)' GANLHLLRQKIEEQAAKYKHSVPKKCCYDGARVNFYETCEERVARVTIGPLCIRAFNECCTIANKIRKESPHKPVQLGR A,B,C
2 'polydeoxyribonucleotide'
;(0G)(0C)(0G)(0A)(0U)(0G)(3KA)(0G)(0G)(0U)(0G)(0G)(0U)(0DG)(0DA)(0A)(0G)(0G)(0G)
(0U)(0U)(0G)(0U)(0U)(0G)(0G)(0G)(3KA)(0G)(3KA)(0C)(0G)(0A)(0C)(0G)(0C)(0A)(0DC)
(0G)(0C)
;
D,E
#
loop_
_chem_comp.id
_chem_comp.type
_chem_comp.name
_chem_comp.formula
0A L-RNA linking L-ADENOSINE-5'-MONOPHOSPHATE 'C10 H14 N5 O7 P'
0C L-RNA linking L-CYTIDINE-5'-MONOPHOSPHATE 'C9 H14 N3 O8 P'
0DA L-DNA linking '2'-DEOXY-L-RIBO-FURANOSYL ADENOSINE-5'-MONOPHOSPHATE' 'C10 H14 N5 O6 P'
0DC L-DNA linking '2'-DEOXY-L-RIBO-FURANOSYL CYTOSINE-5'-MONOPHOSPHATE' 'C9 H14 N3 O7 P'
0DG L-DNA linking '2'-DEOXY-L-RIBO-FURANOSYL GUANINE-5'-MONOPHOSPHATE' 'C10 H14 N5 O7 P'
0G L-RNA linking L-GUANOSINE-5'-MONOPHOSPHATE 'C10 H14 N5 O8 P'
0U L-RNA linking L-URIDINE-5'-MONOPHOSPHATE 'C9 H13 N2 O9 P'
3KA non-polymer 1-(2-deoxy-5-O-phosphono-beta-L-erythro-pentofuranosyl)pyrimidine-2,4(1H,3H)-dione 'C9 H13 N2 O8 P'
ACT non-polymer 'ACETATE ION' 'C2 H3 O2 -1'
CA non-polymer 'CALCIUM ION' 'Ca 2'
MG non-polymer 'MAGNESIUM ION' 'Mg 2'
#
# COMPACT_ATOMS: atom_id res chain seq x y z
N ALA A 2 10.79 17.31 23.82
CA ALA A 2 10.01 17.87 22.72
C ALA A 2 8.75 18.55 23.22
N ASN A 3 8.10 19.33 22.35
CA ASN A 3 6.82 19.94 22.68
C ASN A 3 5.67 19.12 22.11
N LEU A 4 5.27 18.10 22.86
CA LEU A 4 4.31 17.10 22.38
C LEU A 4 2.91 17.66 22.20
N HIS A 5 2.57 18.69 22.96
CA HIS A 5 1.27 19.34 22.83
C HIS A 5 1.15 20.09 21.50
N LEU A 6 2.20 20.84 21.17
CA LEU A 6 2.27 21.57 19.91
C LEU A 6 2.34 20.59 18.75
N LEU A 7 3.19 19.57 18.90
CA LEU A 7 3.35 18.53 17.89
C LEU A 7 1.99 17.92 17.51
N ARG A 8 1.21 17.56 18.53
CA ARG A 8 -0.11 16.97 18.31
C ARG A 8 -0.99 17.93 17.51
N GLN A 9 -1.00 19.17 17.96
CA GLN A 9 -1.80 20.23 17.35
C GLN A 9 -1.46 20.45 15.87
N LYS A 10 -0.18 20.58 15.55
CA LYS A 10 0.24 20.86 14.17
C LYS A 10 0.05 19.66 13.25
N ILE A 11 0.23 18.45 13.77
CA ILE A 11 -0.01 17.26 12.95
C ILE A 11 -1.50 17.10 12.71
N GLU A 12 -2.32 17.43 13.71
CA GLU A 12 -3.77 17.41 13.53
C GLU A 12 -4.17 18.37 12.42
N GLU A 13 -3.55 19.55 12.42
CA GLU A 13 -3.84 20.58 11.42
C GLU A 13 -3.56 20.07 10.00
N GLN A 14 -2.41 19.44 9.82
CA GLN A 14 -2.03 18.91 8.51
C GLN A 14 -2.84 17.67 8.12
N ALA A 15 -3.07 16.78 9.08
CA ALA A 15 -3.81 15.55 8.81
C ALA A 15 -5.22 15.85 8.33
N ALA A 16 -5.79 16.95 8.83
CA ALA A 16 -7.12 17.36 8.45
C ALA A 16 -7.23 17.65 6.95
N LYS A 17 -6.10 17.91 6.30
CA LYS A 17 -6.11 18.21 4.86
C LYS A 17 -6.30 16.97 4.00
N TYR A 18 -6.02 15.80 4.54
CA TYR A 18 -6.22 14.55 3.81
C TYR A 18 -7.62 14.04 4.14
N LYS A 19 -8.40 13.77 3.10
CA LYS A 19 -9.83 13.50 3.29
C LYS A 19 -10.19 12.02 3.24
N HIS A 20 -9.21 11.16 3.53
CA HIS A 20 -9.45 9.72 3.63
C HIS A 20 -8.53 9.16 4.71
N SER A 21 -9.00 8.12 5.42
CA SER A 21 -8.26 7.60 6.57
C SER A 21 -6.91 6.98 6.18
N VAL A 22 -6.80 6.49 4.95
CA VAL A 22 -5.54 5.90 4.54
C VAL A 22 -4.42 6.96 4.43
N PRO A 23 -4.62 8.05 3.66
CA PRO A 23 -3.54 9.04 3.69
C PRO A 23 -3.41 9.76 5.03
N LYS A 24 -4.48 9.82 5.81
CA LYS A 24 -4.40 10.35 7.17
C LYS A 24 -3.41 9.53 7.98
N LYS A 25 -3.52 8.20 7.89
CA LYS A 25 -2.62 7.32 8.61
C LYS A 25 -1.19 7.46 8.11
N CYS A 26 -1.03 7.69 6.81
CA CYS A 26 0.31 7.94 6.26
C CYS A 26 0.95 9.17 6.90
N CYS A 27 0.14 10.21 7.05
CA CYS A 27 0.56 11.41 7.78
C CYS A 27 0.96 11.09 9.22
N TYR A 28 0.07 10.43 9.95
CA TYR A 28 0.34 10.11 11.34
C TYR A 28 1.59 9.23 11.49
N ASP A 29 1.75 8.24 10.62
CA ASP A 29 2.94 7.39 10.65
C ASP A 29 4.21 8.19 10.34
N GLY A 30 4.11 9.09 9.37
CA GLY A 30 5.22 9.97 9.01
C GLY A 30 5.67 10.81 10.20
N ALA A 31 4.71 11.30 10.97
CA ALA A 31 5.04 12.15 12.10
C ALA A 31 5.72 11.37 13.24
N ARG A 32 5.62 10.05 13.21
N ARG A 32 5.62 10.04 13.20
CA ARG A 32 6.23 9.23 14.24
CA ARG A 32 6.22 9.19 14.22
C ARG A 32 7.73 9.03 14.01
C ARG A 32 7.70 8.93 13.97
N VAL A 33 8.18 9.35 12.80
CA VAL A 33 9.59 9.14 12.43
C VAL A 33 10.51 10.00 13.28
N ASN A 34 11.32 9.36 14.11
N ASN A 34 11.33 9.39 14.12
CA ASN A 34 12.12 10.04 15.10
CA ASN A 34 12.22 10.17 14.98
C ASN A 34 13.33 9.20 15.53
C ASN A 34 13.49 9.44 15.40
N PHE A 35 13.92 8.48 14.58
CA PHE A 35 15.10 7.66 14.88
C PHE A 35 16.26 8.09 13.97
N TYR A 36 17.10 7.17 13.51
CA TYR A 36 18.30 7.63 12.79
C TYR A 36 18.04 7.89 11.31
N GLU A 37 16.96 7.33 10.77
CA GLU A 37 16.60 7.59 9.37
C GLU A 37 15.91 8.93 9.18
N THR A 38 16.31 9.66 8.14
CA THR A 38 15.67 10.93 7.82
C THR A 38 14.31 10.69 7.17
N CYS A 39 13.54 11.76 7.04
N CYS A 39 13.52 11.74 7.02
CA CYS A 39 12.25 11.74 6.36
CA CYS A 39 12.22 11.62 6.38
C CYS A 39 12.37 11.07 4.99
C CYS A 39 12.35 11.07 4.96
N GLU A 40 13.34 11.56 4.23
CA GLU A 40 13.56 11.12 2.86
C GLU A 40 13.96 9.64 2.80
N GLU A 41 14.82 9.22 3.73
CA GLU A 41 15.26 7.83 3.79
C GLU A 41 14.10 6.91 4.14
N ARG A 42 13.27 7.33 5.09
CA ARG A 42 12.20 6.50 5.60
C ARG A 42 11.01 6.41 4.64
N VAL A 43 10.68 7.51 3.96
CA VAL A 43 9.54 7.51 3.04
C VAL A 43 9.81 6.71 1.76
N ALA A 44 11.08 6.44 1.49
CA ALA A 44 11.46 5.73 0.27
C ALA A 44 10.84 4.33 0.21
N ARG A 45 10.47 3.78 1.36
CA ARG A 45 9.91 2.43 1.45
C ARG A 45 8.38 2.44 1.56
N VAL A 46 7.77 3.60 1.38
CA VAL A 46 6.32 3.72 1.37
C VAL A 46 5.80 3.57 -0.06
N THR A 47 5.06 2.50 -0.33
CA THR A 47 4.75 2.13 -1.71
C THR A 47 3.29 2.18 -2.10
N ILE A 48 2.45 2.86 -1.31
CA ILE A 48 1.03 2.85 -1.64
C ILE A 48 0.52 4.16 -2.25
N GLY A 49 1.36 4.79 -3.07
CA GLY A 49 0.85 5.84 -3.93
C GLY A 49 1.30 7.24 -3.57
N PRO A 50 1.18 8.17 -4.52
CA PRO A 50 1.67 9.55 -4.39
C PRO A 50 1.04 10.33 -3.25
N LEU A 51 -0.27 10.21 -3.03
CA LEU A 51 -0.91 10.96 -1.95
C LEU A 51 -0.37 10.54 -0.58
N CYS A 52 -0.29 9.23 -0.36
N CYS A 52 -0.29 9.22 -0.39
CA CYS A 52 0.24 8.70 0.90
CA CYS A 52 0.24 8.65 0.84
C CYS A 52 1.68 9.16 1.09
C CYS A 52 1.67 9.11 1.08
N ILE A 53 2.47 9.11 0.02
CA ILE A 53 3.85 9.55 0.08
C ILE A 53 3.95 11.04 0.45
N ARG A 54 3.13 11.87 -0.20
CA ARG A 54 3.09 13.30 0.13
C ARG A 54 2.67 13.52 1.58
N ALA A 55 1.66 12.81 2.05
CA ALA A 55 1.18 12.96 3.43
C ALA A 55 2.25 12.55 4.43
N PHE A 56 2.89 11.42 4.18
CA PHE A 56 3.99 10.94 5.02
C PHE A 56 5.09 12.00 5.11
N ASN A 57 5.53 12.46 3.94
CA ASN A 57 6.57 13.48 3.80
C ASN A 57 6.28 14.75 4.56
N GLU A 58 5.10 15.32 4.33
N GLU A 58 5.11 15.33 4.32
CA GLU A 58 4.76 16.61 4.91
CA GLU A 58 4.74 16.59 4.93
C GLU A 58 4.64 16.53 6.44
C GLU A 58 4.71 16.49 6.45
N CYS A 59 4.05 15.46 6.94
CA CYS A 59 3.88 15.31 8.38
C CYS A 59 5.17 14.93 9.07
N CYS A 60 6.00 14.15 8.40
CA CYS A 60 7.32 13.83 8.94
C CYS A 60 8.16 15.09 9.07
N THR A 61 8.09 15.94 8.05
CA THR A 61 8.85 17.20 8.04
C THR A 61 8.36 18.15 9.13
N ILE A 62 7.04 18.26 9.28
CA ILE A 62 6.47 19.12 10.33
C ILE A 62 6.93 18.66 11.71
N ALA A 63 6.80 17.37 11.97
CA ALA A 63 7.18 16.79 13.25
C ALA A 63 8.67 17.03 13.53
N ASN A 64 9.50 16.82 12.52
CA ASN A 64 10.93 17.02 12.67
C ASN A 64 11.30 18.46 13.05
N LYS A 65 10.65 19.42 12.40
CA LYS A 65 10.88 20.83 12.69
C LYS A 65 10.53 21.14 14.14
N ILE A 66 9.39 20.63 14.59
CA ILE A 66 8.94 20.91 15.94
C ILE A 66 9.87 20.28 16.98
N ARG A 67 10.33 19.07 16.74
CA ARG A 67 11.24 18.41 17.66
C ARG A 67 12.58 19.15 17.74
N LYS A 68 13.08 19.59 16.58
CA LYS A 68 14.33 20.35 16.55
C LYS A 68 14.25 21.67 17.32
N GLU A 69 13.07 22.29 17.35
CA GLU A 69 12.91 23.61 17.94
C GLU A 69 12.55 23.59 19.43
N SER A 70 12.42 22.40 20.00
CA SER A 70 12.04 22.28 21.40
C SER A 70 13.26 22.38 22.33
N HIS B 5 16.23 2.01 2.18
CA HIS B 5 17.05 1.33 1.19
C HIS B 5 18.38 0.87 1.79
N LEU B 6 19.47 1.43 1.30
CA LEU B 6 20.80 0.96 1.66
C LEU B 6 21.19 1.37 3.08
N LEU B 7 20.78 2.56 3.52
CA LEU B 7 21.19 3.06 4.84
C LEU B 7 20.72 2.17 5.98
N ARG B 8 19.42 1.90 6.05
CA ARG B 8 18.89 1.10 7.16
C ARG B 8 19.53 -0.28 7.19
N GLN B 9 19.68 -0.88 6.01
CA GLN B 9 20.26 -2.21 5.90
C GLN B 9 21.66 -2.27 6.50
N LYS B 10 22.51 -1.32 6.12
CA LYS B 10 23.88 -1.32 6.58
C LYS B 10 23.99 -0.94 8.07
N ILE B 11 23.14 -0.03 8.54
CA ILE B 11 23.19 0.31 9.96
C ILE B 11 22.70 -0.85 10.82
N GLU B 12 21.61 -1.50 10.41
CA GLU B 12 21.09 -2.62 11.21
C GLU B 12 22.08 -3.78 11.22
N GLU B 13 22.75 -4.00 10.08
CA GLU B 13 23.79 -5.02 10.01
C GLU B 13 24.92 -4.74 10.98
N GLN B 14 25.31 -3.48 11.10
CA GLN B 14 26.37 -3.11 12.02
C GLN B 14 25.92 -3.21 13.48
N ALA B 15 24.70 -2.77 13.76
CA ALA B 15 24.17 -2.84 15.13
C ALA B 15 24.04 -4.29 15.59
N ALA B 16 23.76 -5.18 14.64
CA ALA B 16 23.60 -6.61 14.94
C ALA B 16 24.90 -7.25 15.41
N LYS B 17 26.02 -6.58 15.14
CA LYS B 17 27.32 -7.11 15.56
C LYS B 17 27.58 -6.88 17.05
N TYR B 18 26.73 -6.06 17.68
CA TYR B 18 26.87 -5.75 19.10
C TYR B 18 25.76 -6.43 19.90
N LYS B 19 26.14 -7.15 20.96
CA LYS B 19 25.19 -7.97 21.68
C LYS B 19 24.22 -7.17 22.55
N HIS B 20 24.73 -6.17 23.26
CA HIS B 20 23.94 -5.50 24.29
C HIS B 20 23.36 -4.16 23.84
N SER B 21 22.35 -3.69 24.58
CA SER B 21 21.58 -2.51 24.19
C SER B 21 22.40 -1.23 24.13
N VAL B 22 23.30 -1.03 25.07
CA VAL B 22 24.04 0.23 25.12
C VAL B 22 24.91 0.42 23.86
N PRO B 23 25.75 -0.58 23.49
CA PRO B 23 26.50 -0.35 22.25
C PRO B 23 25.64 -0.27 20.98
N LYS B 24 24.53 -0.99 20.94
CA LYS B 24 23.58 -0.84 19.82
C LYS B 24 23.11 0.61 19.74
N LYS B 25 22.76 1.20 20.88
CA LYS B 25 22.31 2.58 20.91
C LYS B 25 23.43 3.54 20.51
N CYS B 26 24.67 3.19 20.86
CA CYS B 26 25.81 4.01 20.44
C CYS B 26 25.88 4.03 18.92
N CYS B 27 25.67 2.87 18.31
N CYS B 27 25.67 2.86 18.34
CA CYS B 27 25.64 2.80 16.84
CA CYS B 27 25.58 2.69 16.89
C CYS B 27 24.50 3.64 16.29
C CYS B 27 24.50 3.60 16.31
N TYR B 28 23.28 3.43 16.80
CA TYR B 28 22.12 4.15 16.28
C TYR B 28 22.27 5.66 16.40
N ASP B 29 22.84 6.12 17.52
CA ASP B 29 23.08 7.56 17.71
C ASP B 29 24.09 8.07 16.70
N GLY B 30 25.11 7.28 16.43
CA GLY B 30 26.10 7.62 15.44
C GLY B 30 25.50 7.76 14.05
N ALA B 31 24.44 7.00 13.79
CA ALA B 31 23.82 7.01 12.47
C ALA B 31 22.89 8.20 12.24
N ARG B 32 22.55 8.92 13.31
CA ARG B 32 21.67 10.08 13.17
C ARG B 32 22.36 11.18 12.39
N VAL B 33 21.61 11.88 11.56
CA VAL B 33 22.18 12.91 10.71
C VAL B 33 22.57 14.13 11.55
N ASN B 34 23.64 14.80 11.15
CA ASN B 34 24.10 16.02 11.79
C ASN B 34 24.76 16.90 10.73
N PHE B 35 24.13 18.02 10.43
CA PHE B 35 24.56 18.84 9.30
C PHE B 35 25.66 19.82 9.65
N TYR B 36 26.03 19.91 10.92
CA TYR B 36 26.94 20.96 11.37
C TYR B 36 28.22 20.45 12.01
N GLU B 37 28.30 19.14 12.25
CA GLU B 37 29.47 18.57 12.90
C GLU B 37 29.92 17.27 12.24
N THR B 38 31.23 17.01 12.32
CA THR B 38 31.81 15.80 11.76
C THR B 38 31.71 14.65 12.76
N CYS B 39 32.03 13.45 12.29
N CYS B 39 32.03 13.44 12.31
CA CYS B 39 32.08 12.26 13.14
CA CYS B 39 32.02 12.28 13.20
C CYS B 39 32.99 12.49 14.33
C CYS B 39 33.01 12.44 14.35
N GLU B 40 34.17 13.02 14.06
CA GLU B 40 35.19 13.27 15.09
C GLU B 40 34.70 14.27 16.13
N GLU B 41 34.04 15.34 15.68
CA GLU B 41 33.52 16.34 16.60
C GLU B 41 32.43 15.76 17.50
N ARG B 42 31.53 14.98 16.91
CA ARG B 42 30.40 14.42 17.64
C ARG B 42 30.84 13.39 18.67
N VAL B 43 31.75 12.50 18.27
CA VAL B 43 32.15 11.40 19.13
C VAL B 43 32.99 11.90 20.32
N ALA B 44 33.55 13.09 20.18
CA ALA B 44 34.30 13.70 21.27
C ALA B 44 33.39 13.97 22.49
N ARG B 45 32.08 13.90 22.28
CA ARG B 45 31.13 14.16 23.35
C ARG B 45 30.62 12.88 24.00
N VAL B 46 30.99 11.73 23.45
CA VAL B 46 30.59 10.45 24.02
C VAL B 46 31.42 10.14 25.28
N THR B 47 30.72 9.87 26.38
CA THR B 47 31.41 9.65 27.66
C THR B 47 31.26 8.23 28.20
N ILE B 48 30.48 7.39 27.52
CA ILE B 48 30.17 6.05 28.02
C ILE B 48 31.38 5.11 28.04
N GLY B 49 32.31 5.29 27.11
CA GLY B 49 33.51 4.47 27.07
C GLY B 49 34.01 4.15 25.67
N PRO B 50 35.21 3.58 25.59
CA PRO B 50 35.90 3.30 24.31
C PRO B 50 35.11 2.38 23.38
N LEU B 51 34.46 1.34 23.89
CA LEU B 51 33.72 0.42 23.01
C LEU B 51 32.55 1.17 22.36
N CYS B 52 31.83 1.95 23.17
N CYS B 52 31.86 1.94 23.19
CA CYS B 52 30.72 2.77 22.67
CA CYS B 52 30.76 2.78 22.74
C CYS B 52 31.20 3.75 21.60
C CYS B 52 31.19 3.75 21.65
N ILE B 53 32.35 4.36 21.86
CA ILE B 53 32.96 5.29 20.91
C ILE B 53 33.20 4.58 19.58
N ARG B 54 33.70 3.35 19.65
CA ARG B 54 33.94 2.60 18.42
C ARG B 54 32.64 2.32 17.68
N ALA B 55 31.61 1.88 18.39
CA ALA B 55 30.32 1.57 17.75
C ALA B 55 29.74 2.82 17.09
N PHE B 56 29.78 3.92 17.83
CA PHE B 56 29.36 5.22 17.31
C PHE B 56 30.12 5.57 16.03
N ASN B 57 31.45 5.52 16.11
CA ASN B 57 32.31 5.84 14.98
C ASN B 57 32.00 4.96 13.76
N GLU B 58 31.77 3.68 13.98
CA GLU B 58 31.48 2.75 12.88
C GLU B 58 30.21 3.13 12.14
N CYS B 59 29.14 3.36 12.89
CA CYS B 59 27.86 3.66 12.26
C CYS B 59 27.79 5.09 11.73
N CYS B 60 28.47 6.02 12.39
CA CYS B 60 28.57 7.38 11.85
C CYS B 60 29.30 7.38 10.51
N THR B 61 30.36 6.58 10.40
CA THR B 61 31.12 6.47 9.16
C THR B 61 30.28 5.83 8.05
N ILE B 62 29.56 4.77 8.39
CA ILE B 62 28.69 4.11 7.41
C ILE B 62 27.60 5.05 6.89
N ALA B 63 26.92 5.73 7.81
CA ALA B 63 25.84 6.65 7.46
C ALA B 63 26.33 7.77 6.56
N ASN B 64 27.50 8.33 6.89
CA ASN B 64 28.09 9.39 6.08
C ASN B 64 28.38 8.93 4.66
N LYS B 65 28.98 7.75 4.52
CA LYS B 65 29.31 7.20 3.21
C LYS B 65 28.06 7.02 2.34
N ILE B 66 27.03 6.41 2.90
CA ILE B 66 25.82 6.11 2.15
C ILE B 66 25.07 7.39 1.74
N ARG B 67 24.94 8.33 2.68
CA ARG B 67 24.26 9.58 2.39
C ARG B 67 25.01 10.42 1.36
N LYS B 68 26.33 10.28 1.35
CA LYS B 68 27.17 10.97 0.37
C LYS B 68 26.89 10.47 -1.04
N GLU B 69 26.70 9.15 -1.15
CA GLU B 69 26.62 8.48 -2.43
C GLU B 69 25.18 8.33 -2.92
N SER B 70 24.26 9.06 -2.31
CA SER B 70 22.86 9.04 -2.72
C SER B 70 22.42 10.41 -3.20
N PRO B 71 21.53 10.45 -4.20
CA PRO B 71 21.01 11.72 -4.72
C PRO B 71 19.82 12.23 -3.91
N GLY C 1 -36.95 -24.92 -35.95
CA GLY C 1 -36.38 -24.32 -34.76
C GLY C 1 -37.17 -23.11 -34.29
N ALA C 2 -36.79 -22.56 -33.14
CA ALA C 2 -37.48 -21.42 -32.54
C ALA C 2 -37.31 -20.16 -33.38
N ASN C 3 -38.23 -19.23 -33.21
CA ASN C 3 -38.10 -17.90 -33.81
C ASN C 3 -36.91 -17.19 -33.16
N LEU C 4 -35.80 -17.11 -33.89
CA LEU C 4 -34.57 -16.54 -33.33
C LEU C 4 -34.66 -15.03 -33.16
N HIS C 5 -35.48 -14.40 -34.00
CA HIS C 5 -35.77 -12.98 -33.88
C HIS C 5 -36.41 -12.70 -32.52
N LEU C 6 -37.37 -13.55 -32.15
CA LEU C 6 -38.03 -13.45 -30.85
C LEU C 6 -37.04 -13.73 -29.73
N LEU C 7 -36.24 -14.77 -29.93
CA LEU C 7 -35.23 -15.16 -28.95
C LEU C 7 -34.32 -13.99 -28.63
N ARG C 8 -33.77 -13.35 -29.65
CA ARG C 8 -32.83 -12.24 -29.44
C ARG C 8 -33.52 -11.09 -28.71
N GLN C 9 -34.80 -10.89 -29.01
CA GLN C 9 -35.59 -9.87 -28.34
C GLN C 9 -35.74 -10.17 -26.85
N LYS C 10 -36.16 -11.39 -26.54
CA LYS C 10 -36.38 -11.79 -25.15
C LYS C 10 -35.08 -11.76 -24.34
N ILE C 11 -33.97 -12.10 -24.99
CA ILE C 11 -32.68 -12.11 -24.31
C ILE C 11 -32.18 -10.68 -24.06
N GLU C 12 -32.39 -9.79 -25.02
CA GLU C 12 -32.02 -8.39 -24.84
C GLU C 12 -32.85 -7.77 -23.72
N GLU C 13 -34.11 -8.18 -23.65
CA GLU C 13 -35.02 -7.77 -22.59
C GLU C 13 -34.49 -8.15 -21.20
N GLN C 14 -33.86 -9.33 -21.10
CA GLN C 14 -33.32 -9.77 -19.83
C GLN C 14 -31.98 -9.10 -19.53
N ALA C 15 -31.14 -8.97 -20.56
CA ALA C 15 -29.85 -8.32 -20.39
C ALA C 15 -29.99 -6.85 -19.99
N ALA C 16 -31.07 -6.22 -20.45
CA ALA C 16 -31.35 -4.82 -20.13
C ALA C 16 -31.55 -4.60 -18.63
N LYS C 17 -31.84 -5.68 -17.90
CA LYS C 17 -32.07 -5.60 -16.46
C LYS C 17 -30.76 -5.52 -15.67
N TYR C 18 -29.65 -5.80 -16.34
CA TYR C 18 -28.33 -5.73 -15.69
C TYR C 18 -27.60 -4.46 -16.09
N LYS C 19 -27.13 -3.71 -15.10
CA LYS C 19 -26.59 -2.38 -15.36
C LYS C 19 -25.17 -2.38 -15.95
N HIS C 20 -24.39 -3.42 -15.62
CA HIS C 20 -22.99 -3.44 -16.01
C HIS C 20 -22.76 -4.36 -17.22
N SER C 21 -21.80 -4.00 -18.06
CA SER C 21 -21.54 -4.74 -19.30
C SER C 21 -21.04 -6.15 -19.07
N VAL C 22 -20.38 -6.39 -17.94
CA VAL C 22 -19.84 -7.72 -17.71
C VAL C 22 -20.99 -8.73 -17.51
N PRO C 23 -21.94 -8.47 -16.59
CA PRO C 23 -23.05 -9.44 -16.53
C PRO C 23 -23.96 -9.43 -17.76
N LYS C 24 -24.03 -8.31 -18.48
CA LYS C 24 -24.76 -8.29 -19.76
C LYS C 24 -24.15 -9.33 -20.68
N LYS C 25 -22.82 -9.38 -20.74
CA LYS C 25 -22.14 -10.33 -21.61
C LYS C 25 -22.36 -11.76 -21.12
N CYS C 26 -22.41 -11.94 -19.80
CA CYS C 26 -22.71 -13.26 -19.25
C CYS C 26 -24.09 -13.73 -19.70
N CYS C 27 -25.03 -12.79 -19.75
CA CYS C 27 -26.35 -13.11 -20.28
C CYS C 27 -26.28 -13.49 -21.78
N TYR C 28 -25.65 -12.66 -22.60
CA TYR C 28 -25.55 -12.93 -24.03
C TYR C 28 -24.84 -14.26 -24.30
N ASP C 29 -23.78 -14.52 -23.54
CA ASP C 29 -23.02 -15.77 -23.66
C ASP C 29 -23.85 -16.98 -23.23
N GLY C 30 -24.58 -16.82 -22.12
CA GLY C 30 -25.39 -17.90 -21.59
C GLY C 30 -26.50 -18.30 -22.55
N ALA C 31 -26.95 -17.34 -23.35
CA ALA C 31 -28.05 -17.58 -24.28
C ALA C 31 -27.63 -18.36 -25.51
N ARG C 32 -26.33 -18.59 -25.66
CA ARG C 32 -25.82 -19.36 -26.79
C ARG C 32 -26.27 -20.81 -26.70
N VAL C 33 -26.66 -21.37 -27.84
CA VAL C 33 -27.10 -22.76 -27.87
C VAL C 33 -25.96 -23.71 -27.51
N ASN C 34 -26.30 -24.75 -26.76
CA ASN C 34 -25.34 -25.80 -26.41
C ASN C 34 -26.12 -27.10 -26.29
N PHE C 35 -26.00 -27.95 -27.29
CA PHE C 35 -26.77 -29.19 -27.37
C PHE C 35 -26.29 -30.27 -26.42
N TYR C 36 -25.14 -30.05 -25.81
CA TYR C 36 -24.46 -31.12 -25.09
C TYR C 36 -24.49 -30.96 -23.57
N GLU C 37 -24.74 -29.73 -23.11
CA GLU C 37 -24.69 -29.45 -21.69
C GLU C 37 -25.89 -28.64 -21.23
N THR C 38 -26.35 -28.93 -20.00
CA THR C 38 -27.45 -28.19 -19.40
C THR C 38 -26.98 -26.83 -18.88
N CYS C 39 -27.93 -25.95 -18.56
N CYS C 39 -27.95 -25.96 -18.58
CA CYS C 39 -27.59 -24.64 -18.02
CA CYS C 39 -27.68 -24.66 -17.98
C CYS C 39 -26.85 -24.76 -16.69
C CYS C 39 -26.85 -24.79 -16.71
N GLU C 40 -27.22 -25.78 -15.91
CA GLU C 40 -26.56 -26.05 -14.65
C GLU C 40 -25.10 -26.46 -14.85
N GLU C 41 -24.87 -27.33 -15.83
CA GLU C 41 -23.52 -27.80 -16.15
C GLU C 41 -22.65 -26.68 -16.70
N ARG C 42 -23.24 -25.81 -17.52
CA ARG C 42 -22.48 -24.73 -18.13
C ARG C 42 -22.11 -23.66 -17.12
N VAL C 43 -23.05 -23.26 -16.27
CA VAL C 43 -22.82 -22.16 -15.36
C VAL C 43 -21.82 -22.57 -14.26
N ALA C 44 -21.66 -23.88 -14.09
CA ALA C 44 -20.70 -24.40 -13.11
C ALA C 44 -19.26 -24.03 -13.48
N ARG C 45 -19.05 -23.70 -14.76
CA ARG C 45 -17.72 -23.32 -15.23
C ARG C 45 -17.55 -21.81 -15.31
N VAL C 46 -18.57 -21.07 -14.89
CA VAL C 46 -18.50 -19.61 -14.82
C VAL C 46 -18.05 -19.19 -13.42
N THR C 47 -16.88 -18.57 -13.33
CA THR C 47 -16.29 -18.33 -12.01
C THR C 47 -16.15 -16.86 -11.64
N ILE C 48 -16.74 -15.95 -12.40
CA ILE C 48 -16.73 -14.56 -11.96
C ILE C 48 -17.90 -14.31 -11.00
N GLY C 49 -18.29 -13.05 -10.85
CA GLY C 49 -19.21 -12.66 -9.76
C GLY C 49 -20.58 -13.29 -9.75
N PRO C 50 -21.31 -13.13 -8.63
CA PRO C 50 -22.66 -13.66 -8.47
C PRO C 50 -23.66 -13.05 -9.46
N LEU C 51 -23.47 -11.78 -9.80
CA LEU C 51 -24.33 -11.13 -10.78
C LEU C 51 -24.18 -11.82 -12.14
N CYS C 52 -22.95 -12.09 -12.54
N CYS C 52 -22.93 -12.08 -12.51
CA CYS C 52 -22.71 -12.75 -13.81
CA CYS C 52 -22.60 -12.77 -13.74
C CYS C 52 -23.32 -14.15 -13.82
C CYS C 52 -23.26 -14.14 -13.82
N ILE C 53 -23.16 -14.87 -12.73
CA ILE C 53 -23.72 -16.20 -12.61
C ILE C 53 -25.24 -16.16 -12.74
N ARG C 54 -25.85 -15.17 -12.12
CA ARG C 54 -27.31 -15.05 -12.15
C ARG C 54 -27.77 -14.70 -13.56
N ALA C 55 -27.07 -13.78 -14.20
CA ALA C 55 -27.39 -13.36 -15.56
C ALA C 55 -27.24 -14.53 -16.54
N PHE C 56 -26.12 -15.25 -16.43
CA PHE C 56 -25.87 -16.41 -17.25
C PHE C 56 -26.99 -17.43 -17.09
N ASN C 57 -27.35 -17.70 -15.83
CA ASN C 57 -28.43 -18.65 -15.53
C ASN C 57 -29.76 -18.23 -16.15
N GLU C 58 -30.16 -16.99 -15.90
CA GLU C 58 -31.46 -16.51 -16.34
C GLU C 58 -31.59 -16.53 -17.86
N CYS C 59 -30.57 -16.06 -18.56
CA CYS C 59 -30.64 -15.99 -20.02
C CYS C 59 -30.47 -17.37 -20.66
N CYS C 60 -29.63 -18.21 -20.08
CA CYS C 60 -29.51 -19.57 -20.56
C CYS C 60 -30.85 -20.30 -20.42
N THR C 61 -31.51 -20.10 -19.29
CA THR C 61 -32.82 -20.68 -19.05
C THR C 61 -33.87 -20.18 -20.04
N ILE C 62 -33.91 -18.87 -20.24
CA ILE C 62 -34.86 -18.27 -21.17
C ILE C 62 -34.66 -18.78 -22.59
N ALA C 63 -33.40 -18.80 -23.02
CA ALA C 63 -33.08 -19.24 -24.37
C ALA C 63 -33.46 -20.69 -24.58
N ASN C 64 -33.10 -21.55 -23.63
CA ASN C 64 -33.42 -22.98 -23.76
C ASN C 64 -34.92 -23.27 -23.75
N LYS C 65 -35.67 -22.50 -22.95
CA LYS C 65 -37.11 -22.72 -22.86
C LYS C 65 -37.81 -22.30 -24.15
N ILE C 66 -37.36 -21.19 -24.73
CA ILE C 66 -37.91 -20.74 -26.01
C ILE C 66 -37.62 -21.79 -27.09
N ARG C 67 -36.41 -22.35 -27.05
CA ARG C 67 -36.04 -23.42 -27.97
C ARG C 67 -36.89 -24.66 -27.75
N LYS C 68 -37.10 -25.00 -26.48
CA LYS C 68 -37.85 -26.19 -26.11
C LYS C 68 -39.31 -26.13 -26.55
N GLU C 69 -39.95 -24.99 -26.32
CA GLU C 69 -41.39 -24.86 -26.55
C GLU C 69 -41.71 -24.26 -27.92
N SER C 70 -40.71 -24.21 -28.78
CA SER C 70 -40.90 -23.77 -30.16
C SER C 70 -41.87 -24.71 -30.87
N PRO C 71 -42.55 -24.21 -31.93
CA PRO C 71 -43.46 -25.07 -32.70
C PRO C 71 -42.78 -26.33 -33.22
N HIS C 72 -43.43 -27.48 -33.08
CA HIS C 72 -42.81 -28.73 -33.50
C HIS C 72 -43.68 -29.52 -34.47
N LYS C 73 -43.02 -30.37 -35.25
CA LYS C 73 -43.64 -31.17 -36.29
C LYS C 73 -43.11 -32.60 -36.20
N PRO C 74 -43.78 -33.57 -36.87
CA PRO C 74 -43.31 -34.96 -36.84
C PRO C 74 -41.86 -35.16 -37.29
O5' 0G D 1 -6.81 -13.91 -3.16
C5' 0G D 1 -8.22 -13.83 -3.25
C4' 0G D 1 -8.68 -12.47 -3.69
O4' 0G D 1 -8.22 -12.19 -5.04
C3' 0G D 1 -8.24 -11.29 -2.84
O3' 0G D 1 -9.12 -11.00 -1.77
C2' 0G D 1 -8.09 -10.14 -3.85
O2' 0G D 1 -9.36 -9.54 -4.09
C1' 0G D 1 -7.68 -10.89 -5.10
N9 0G D 1 -6.21 -10.97 -5.26
C8 0G D 1 -5.46 -12.08 -5.22
N7 0G D 1 -4.15 -11.78 -5.42
C6 0G D 1 -2.94 -9.49 -5.81
O6 0G D 1 -1.76 -9.87 -5.92
C5 0G D 1 -4.04 -10.45 -5.57
N1 0G D 1 -3.27 -8.18 -5.91
C2 0G D 1 -4.54 -7.75 -5.82
N2 0G D 1 -4.79 -6.43 -5.94
N3 0G D 1 -5.59 -8.58 -5.60
C4 0G D 1 -5.41 -9.91 -5.48
P 0C D 2 -8.54 -10.46 -0.38
OP1 0C D 2 -7.31 -11.24 -0.01
OP2 0C D 2 -9.73 -10.37 0.54
O5' 0C D 2 -8.05 -8.99 -0.72
C5' 0C D 2 -8.97 -7.97 -0.98
C4' 0C D 2 -8.29 -6.65 -1.26
O4' 0C D 2 -7.52 -6.72 -2.48
C3' 0C D 2 -7.30 -6.19 -0.21
O3' 0C D 2 -7.89 -5.60 0.94
C2' 0C D 2 -6.35 -5.28 -0.99
O2' 0C D 2 -6.95 -4.01 -1.20
C1' 0C D 2 -6.32 -5.99 -2.34
N1 0C D 2 -5.17 -6.91 -2.42
C2 0C D 2 -3.90 -6.35 -2.69
O2 0C D 2 -3.80 -5.13 -2.87
N3 0C D 2 -2.80 -7.14 -2.75
C4 0C D 2 -2.91 -8.47 -2.55
N4 0C D 2 -1.81 -9.24 -2.61
C5 0C D 2 -4.15 -9.04 -2.26
C6 0C D 2 -5.28 -8.23 -2.19
P 0G D 3 -7.22 -5.84 2.38
OP1 0G D 3 -6.86 -7.30 2.57
OP2 0G D 3 -8.14 -5.16 3.37
O5' 0G D 3 -5.83 -5.06 2.30
C5' 0G D 3 -5.83 -3.65 2.10
C4' 0G D 3 -4.43 -3.13 1.88
O4' 0G D 3 -3.89 -3.54 0.60
C3' 0G D 3 -3.37 -3.55 2.87
O3' 0G D 3 -3.48 -2.92 4.13
C2' 0G D 3 -2.08 -3.27 2.12
O2' 0G D 3 -1.77 -1.89 2.15
C1' 0G D 3 -2.48 -3.66 0.69
N9 0G D 3 -2.07 -5.05 0.48
C8 0G D 3 -2.77 -6.17 0.70
N7 0G D 3 -1.98 -7.27 0.47
C6 0G D 3 0.54 -7.42 -0.21
O6 0G D 3 0.66 -8.66 -0.25
C5 0G D 3 -0.77 -6.82 0.14
N1 0G D 3 1.57 -6.59 -0.47
C2 0G D 3 1.45 -5.25 -0.41
N2 0G D 3 2.54 -4.47 -0.70
N3 0G D 3 0.29 -4.63 -0.10
C4 0G D 3 -0.82 -5.36 0.19
P 0A D 4 -3.17 -3.74 5.48
N1 0A D 4 -7.87 3.47 6.79
C2 0A D 4 -6.66 3.74 7.32
N3 0A D 4 -5.59 2.93 7.23
C4 0A D 4 -5.71 1.75 6.55
C5 0A D 4 -6.99 1.37 5.94
C6 0A D 4 -8.11 2.32 6.10
N6 0A D 4 -9.32 2.05 5.57
N7 0A D 4 -6.82 0.17 5.35
C8 0A D 4 -5.53 -0.19 5.56
N9 0A D 4 -4.88 0.75 6.29
C1' 0A D 4 -3.48 0.74 6.70
C2' 0A D 4 -2.53 0.31 5.59
O2' 0A D 4 -2.20 1.39 4.73
C3' 0A D 4 -1.37 -0.27 6.39
O3' 0A D 4 -0.49 0.78 6.78
C4' 0A D 4 -2.04 -0.85 7.64
O4' 0A D 4 -3.32 -0.18 7.76
C5' 0A D 4 -2.30 -2.34 7.55
O5' 0A D 4 -3.32 -2.59 6.59
OP1 0A D 4 -4.27 -4.73 5.73
OP2 0A D 4 -1.75 -4.23 5.43
P 0U D 5 1.05 0.47 7.05
OP1 0U D 5 1.22 -0.88 7.67
OP2 0U D 5 1.66 1.69 7.72
O5' 0U D 5 1.66 0.38 5.60
C5' 0U D 5 1.68 1.49 4.72
C4' 0U D 5 2.71 1.27 3.66
O4' 0U D 5 2.24 0.29 2.69
C3' 0U D 5 4.03 0.72 4.17
O3' 0U D 5 4.91 1.72 4.63
C2' 0U D 5 4.56 -0.14 3.02
O2' 0U D 5 5.22 0.66 2.05
C1' 0U D 5 3.27 -0.62 2.38
N1 0U D 5 2.86 -1.99 2.79
C2 0U D 5 3.61 -3.11 2.38
O2 0U D 5 4.67 -2.95 1.75
N3 0U D 5 3.18 -4.35 2.67
C4 0U D 5 2.04 -4.54 3.34
O4 0U D 5 1.66 -5.71 3.60
C5 0U D 5 1.27 -3.46 3.74
C6 0U D 5 1.71 -2.17 3.44
P 0G D 6 5.48 1.62 6.14
OP1 0G D 6 4.42 1.17 7.10
OP2 0G D 6 6.25 2.90 6.35
O5' 0G D 6 6.58 0.47 6.02
C5' 0G D 6 7.71 0.73 5.20
C4' 0G D 6 8.46 -0.52 4.81
O4' 0G D 6 7.64 -1.41 4.00
C3' 0G D 6 8.99 -1.40 5.92
O3' 0G D 6 10.14 -0.87 6.53
C2' 0G D 6 9.21 -2.72 5.22
O2' 0G D 6 10.41 -2.64 4.44
C1' 0G D 6 8.05 -2.73 4.23
N9 0G D 6 6.88 -3.48 4.72
C8 0G D 6 5.69 -3.00 5.10
N7 0G D 6 4.86 -4.03 5.43
C6 0G D 6 5.28 -6.63 5.39
O6 0G D 6 4.17 -7.04 5.79
C5 0G D 6 5.54 -5.18 5.25
N1 0G D 6 6.28 -7.48 5.09
C2 0G D 6 7.49 -7.05 4.67
N2 0G D 6 8.46 -7.95 4.38
N3 0G D 6 7.78 -5.74 4.50
C4 0G D 6 6.87 -4.80 4.77
O4 3KA D 7 5.13 -5.69 8.69
C4 3KA D 7 6.37 -5.79 8.45
N3 3KA D 7 6.90 -7.00 8.32
C2 3KA D 7 8.21 -7.15 8.06
O2 3KA D 7 8.71 -8.29 7.95
C5 3KA D 7 7.16 -4.64 8.31
C6 3KA D 7 8.52 -4.78 8.06
N1 3KA D 7 9.04 -6.02 7.92
C1' 3KA D 7 10.46 -6.22 7.62
O4' 3KA D 7 10.93 -5.16 6.79
C2' 3KA D 7 11.30 -6.22 8.88
C3' 3KA D 7 12.30 -5.10 8.71
O3' 3KA D 7 13.64 -5.56 8.90
C4' 3KA D 7 12.14 -4.61 7.28
C5' 3KA D 7 12.06 -3.09 7.29
O5' 3KA D 7 10.96 -2.69 8.09
P 3KA D 7 10.43 -1.16 8.07
OP1 3KA D 7 9.13 -1.17 8.84
OP2 3KA D 7 11.58 -0.26 8.45
P 0G D 8 14.35 -5.40 10.35
OP1 0G D 8 15.80 -5.77 10.17
OP2 0G D 8 14.02 -4.05 10.95
O5' 0G D 8 13.60 -6.47 11.26
C5' 0G D 8 13.56 -7.86 10.92
C4' 0G D 8 12.63 -8.61 11.84
O4' 0G D 8 11.26 -8.26 11.49
C3' 0G D 8 12.80 -8.26 13.33
O3' 0G D 8 12.68 -9.46 14.08
C2' 0G D 8 11.58 -7.40 13.64
O2' 0G D 8 11.14 -7.47 14.98
C1' 0G D 8 10.54 -7.98 12.67
N9 0G D 8 9.45 -7.06 12.34
C8 0G D 8 8.14 -7.42 12.29
N7 0G D 8 7.37 -6.35 11.98
C6 0G D 8 8.01 -3.86 11.52
O6 0G D 8 6.86 -3.42 11.31
C5 0G D 8 8.18 -5.29 11.84
N1 0G D 8 9.09 -3.07 11.46
C2 0G D 8 10.32 -3.55 11.70
N2 0G D 8 11.38 -2.71 11.64
N3 0G D 8 10.55 -4.85 12.00
C4 0G D 8 9.54 -5.75 12.09
P 0G D 9 13.95 -10.43 14.30
OP1 0G D 9 14.87 -10.38 13.11
OP2 0G D 9 14.46 -10.13 15.68
O5' 0G D 9 13.28 -11.87 14.32
C5' 0G D 9 14.07 -13.04 14.35
C4' 0G D 9 13.22 -14.26 14.15
O4' 0G D 9 12.73 -14.32 12.77
C3' 0G D 9 11.97 -14.34 15.02
O3' 0G D 9 12.19 -14.94 16.28
C2' 0G D 9 10.97 -15.08 14.15
O2' 0G D 9 11.19 -16.48 14.23
C1' 0G D 9 11.36 -14.61 12.76
N9 0G D 9 10.62 -13.39 12.38
C8 0G D 9 11.14 -12.18 12.12
N7 0G D 9 10.15 -11.29 11.84
C6 0G D 9 7.55 -11.60 11.74
O6 0G D 9 7.23 -10.43 11.43
C5 0G D 9 8.98 -11.94 11.92
N1 0G D 9 6.64 -12.56 11.92
C2 0G D 9 6.98 -13.83 12.25
N2 0G D 9 6.02 -14.75 12.40
N3 0G D 9 8.28 -14.21 12.43
C4 0G D 9 9.29 -13.33 12.28
P 0U D 10 11.50 -14.32 17.60
OP1 0U D 10 12.02 -15.14 18.78
OP2 0U D 10 11.64 -12.82 17.62
O5' 0U D 10 9.97 -14.68 17.42
C5' 0U D 10 9.56 -16.01 17.20
C4' 0U D 10 8.08 -16.10 17.02
O4' 0U D 10 7.69 -15.54 15.74
C3' 0U D 10 7.23 -15.37 18.04
O3' 0U D 10 7.03 -16.08 19.25
C2' 0U D 10 5.94 -15.06 17.29
O2' 0U D 10 5.11 -16.21 17.28
C1' 0U D 10 6.47 -14.85 15.87
N1 0U D 10 6.68 -13.41 15.56
C2 0U D 10 5.54 -12.64 15.35
O2 0U D 10 4.40 -13.17 15.42
N3 0U D 10 5.65 -11.34 15.06
C4 0U D 10 6.85 -10.75 14.98
O4 0U D 10 6.93 -9.53 14.72
C5 0U D 10 8.00 -11.51 15.20
C6 0U D 10 7.89 -12.87 15.49
P 0G D 11 7.00 -15.28 20.64
OP1 0G D 11 6.72 -16.27 21.74
OP2 0G D 11 8.20 -14.35 20.74
O5' 0G D 11 5.73 -14.33 20.50
C5' 0G D 11 4.43 -14.86 20.54
C4' 0G D 11 3.39 -13.83 20.14
O4' 0G D 11 3.69 -13.28 18.83
C3' 0G D 11 3.26 -12.62 21.06
O3' 0G D 11 2.41 -12.86 22.16
C2' 0G D 11 2.75 -11.52 20.12
O2' 0G D 11 1.36 -11.68 19.92
C1' 0G D 11 3.45 -11.90 18.82
N9 0G D 11 4.72 -11.18 18.63
C8 0G D 11 5.96 -11.69 18.79
N7 0G D 11 6.91 -10.75 18.50
C6 0G D 11 6.65 -8.25 17.73
O6 0G D 11 7.85 -7.90 17.62
C5 0G D 11 6.27 -9.61 18.15
N1 0G D 11 5.66 -7.39 17.45
C2 0G D 11 4.36 -7.71 17.55
N2 0G D 11 3.43 -6.79 17.26
N3 0G D 11 3.93 -8.95 17.93
C4 0G D 11 4.83 -9.92 18.23
P 0G D 12 2.96 -12.65 23.64
OP1 0G D 12 4.33 -13.26 23.78
OP2 0G D 12 1.84 -13.11 24.55
O5' 0G D 12 3.11 -11.08 23.78
C5' 0G D 12 2.02 -10.19 23.50
C4' 0G D 12 2.09 -8.95 24.34
O4' 0G D 12 3.21 -8.15 23.89
C3' 0G D 12 2.29 -9.20 25.84
O3' 0G D 12 1.40 -8.37 26.58
C2' 0G D 12 3.71 -8.72 26.11
O2' 0G D 12 3.92 -8.19 27.40
C1' 0G D 12 3.88 -7.66 25.03
N9 0G D 12 5.27 -7.39 24.67
C8 0G D 12 6.35 -8.16 24.91
N7 0G D 12 7.47 -7.57 24.43
C6 0G D 12 7.76 -5.28 23.21
O6 0G D 12 8.99 -5.32 23.03
C5 0G D 12 7.09 -6.39 23.89
N1 0G D 12 7.02 -4.24 22.80
C2 0G D 12 5.67 -4.19 22.99
N2 0G D 12 4.98 -3.11 22.55
N3 0G D 12 5.00 -5.18 23.61
C4 0G D 12 5.65 -6.28 24.07
P 0U D 13 -0.12 -8.79 26.85
OP1 0U D 13 -0.17 -10.29 27.04
OP2 0U D 13 -0.64 -7.88 27.93
O5' 0U D 13 -0.82 -8.43 25.47
C5' 0U D 13 -2.10 -8.94 25.12
C4' 0U D 13 -2.96 -7.85 24.56
O4' 0U D 13 -2.15 -7.02 23.68
C3' 0U D 13 -3.55 -6.91 25.61
O3' 0U D 13 -4.85 -6.50 25.17
C2' 0U D 13 -2.62 -5.69 25.53
O2' 0U D 13 -3.21 -4.48 25.96
C1' 0U D 13 -2.29 -5.67 24.05
N1 0U D 13 -1.05 -4.94 23.71
C2 0U D 13 -1.18 -3.69 23.07
O2 0U D 13 -2.32 -3.27 22.79
N3 0U D 13 -0.09 -2.99 22.73
C4 0U D 13 1.12 -3.46 23.02
O4 0U D 13 2.14 -2.78 22.71
C5 0U D 13 1.28 -4.68 23.67
C6 0U D 13 0.15 -5.42 24.00
P 0DG D 14 -6.15 -7.37 25.52
OP1 0DG D 14 -5.97 -8.05 26.85
OP2 0DG D 14 -7.32 -6.45 25.26
O5' 0DG D 14 -6.17 -8.50 24.38
C5' 0DG D 14 -6.15 -8.13 23.01
C4' 0DG D 14 -6.04 -9.41 22.20
O4' 0DG D 14 -4.83 -10.10 22.52
C3' 0DG D 14 -6.00 -9.12 20.72
O3' 0DG D 14 -7.32 -9.22 20.17
C2' 0DG D 14 -5.06 -10.17 20.14
C1' 0DG D 14 -4.30 -10.72 21.35
N9 0DG D 14 -2.86 -10.37 21.30
C8 0DG D 14 -1.83 -11.24 21.49
N7 0DG D 14 -0.64 -10.61 21.39
C5 0DG D 14 -0.90 -9.30 21.15
C6 0DG D 14 -0.09 -8.08 20.95
O6 0DG D 14 1.16 -8.13 21.00
N1 0DG D 14 -0.73 -6.92 20.72
C2 0DG D 14 -2.08 -6.85 20.68
N2 0DG D 14 -2.66 -5.65 20.45
N3 0DG D 14 -2.88 -7.93 20.86
C4 0DG D 14 -2.35 -9.15 21.09
C8A 0DA D 15 -3.46 -8.77 17.32
N9A 0DA D 15 -3.27 -7.46 17.02
C4A 0DA D 15 -1.97 -7.19 17.13
C5A 0DA D 15 -1.31 -8.44 17.55
N7A 0DA D 15 -2.29 -9.37 17.63
N3A 0DA D 15 -1.22 -6.07 16.97
C2A 0DA D 15 0.11 -6.10 17.17
N1A 0DA D 15 0.78 -7.21 17.53
C6A 0DA D 15 0.15 -8.39 17.74
N6A 0DA D 15 0.84 -9.49 18.11
C4' 0DA D 15 -6.58 -6.49 16.10
O4' 0DA D 15 -5.35 -7.18 15.88
C3' 0DA D 15 -6.24 -5.29 16.97
C2' 0DA D 15 -4.98 -5.72 17.71
C1' 0DA D 15 -4.30 -6.49 16.59
O3' 0DA D 15 -5.83 -4.27 16.05
C5' 0DA D 15 -7.60 -7.41 16.77
O5' 0DA D 15 -7.08 -8.02 17.95
P 0DA D 15 -7.93 -8.01 19.31
OP2 0DA D 15 -7.66 -6.71 20.02
OP1 0DA D 15 -9.36 -8.38 18.98
P 0A D 16 -6.32 -2.75 16.20
N1 0A D 16 -11.77 4.23 15.82
C2 0A D 16 -12.47 3.24 15.25
N3 0A D 16 -12.05 1.96 15.25
C4 0A D 16 -10.89 1.61 15.84
C5 0A D 16 -10.07 2.64 16.48
C6 0A D 16 -10.59 4.02 16.45
N6 0A D 16 -9.91 5.05 17.01
N7 0A D 16 -8.99 2.02 16.99
C8 0A D 16 -9.11 0.71 16.69
N9 0A D 16 -10.23 0.48 15.99
C1' 0A D 16 -10.74 -0.81 15.52
C2' 0A D 16 -10.88 -1.86 16.61
O2' 0A D 16 -12.06 -1.68 17.38
C3' 0A D 16 -10.82 -3.16 15.81
O3' 0A D 16 -12.13 -3.41 15.31
C4' 0A D 16 -9.89 -2.80 14.64
O4' 0A D 16 -9.85 -1.35 14.57
C5' 0A D 16 -8.48 -3.29 14.80
O5' 0A D 16 -7.91 -2.84 16.02
OP1 0A D 16 -5.67 -2.00 15.07
OP2 0A D 16 -6.06 -2.31 17.63
P 0G D 17 -12.61 -4.90 14.92
OP1 0G D 17 -11.90 -5.89 15.81
OP2 0G D 17 -14.12 -4.87 14.81
O5' 0G D 17 -12.02 -5.09 13.46
C5' 0G D 17 -12.49 -4.33 12.36
C4' 0G D 17 -11.50 -4.42 11.23
O4' 0G D 17 -10.21 -3.94 11.68
C3' 0G D 17 -11.82 -3.67 9.94
O3' 0G D 17 -12.42 -4.50 8.97
C2' 0G D 17 -10.50 -3.04 9.48
O2' 0G D 17 -9.91 -3.84 8.48
C1' 0G D 17 -9.61 -3.14 10.72
N9 0G D 17 -9.31 -1.81 11.31
C8 0G D 17 -8.10 -1.40 11.76
N7 0G D 17 -8.15 -0.13 12.22
C6 0G D 17 -10.13 1.59 12.30
O6 0G D 17 -9.55 2.57 12.80
C5 0G D 17 -9.41 0.32 12.04
N1 0G D 17 -11.43 1.64 11.97
C2 0G D 17 -12.07 0.59 11.43
N2 0G D 17 -13.39 0.70 11.13
N3 0G D 17 -11.47 -0.59 11.18
C4 0G D 17 -10.16 -0.78 11.44
P 0G D 18 -13.96 -4.27 8.54
OP1 0G D 18 -14.40 -5.41 7.64
OP2 0G D 18 -14.76 -3.93 9.78
O5' 0G D 18 -13.90 -2.97 7.64
C5' 0G D 18 -14.27 -1.72 8.20
C4' 0G D 18 -15.01 -0.89 7.20
O4' 0G D 18 -14.08 -0.26 6.28
C3' 0G D 18 -15.85 0.24 7.80
O3' 0G D 18 -17.23 0.00 7.77
C2' 0G D 18 -15.41 1.52 7.07
O2' 0G D 18 -16.30 1.82 6.02
C1' 0G D 18 -14.07 1.13 6.47
N9 0G D 18 -12.92 1.48 7.34
C8 0G D 18 -11.94 0.67 7.78
N7 0G D 18 -11.04 1.36 8.55
C6 0G D 18 -10.99 3.90 9.20
O6 0G D 18 -9.95 3.90 9.89
C5 0G D 18 -11.46 2.64 8.59
N1 0G D 18 -11.71 5.01 8.99
C2 0G D 18 -12.84 5.01 8.25
N2 0G D 18 -13.54 6.17 8.06
N3 0G D 18 -13.32 3.89 7.66
C4 0G D 18 -12.69 2.71 7.79
P 0G D 19 -18.09 0.32 9.09
OP1 0G D 19 -19.49 -0.21 8.88
OP2 0G D 19 -17.31 -0.14 10.30
O5' 0G D 19 -18.12 1.91 9.14
C5' 0G D 19 -19.04 2.64 8.34
C4' 0G D 19 -19.02 4.11 8.69
O4' 0G D 19 -17.64 4.53 8.85
C3' 0G D 19 -19.74 4.46 9.99
O3' 0G D 19 -20.25 5.78 9.88
C2' 0G D 19 -18.60 4.49 11.01
O2' 0G D 19 -18.84 5.29 12.15
C1' 0G D 19 -17.45 5.02 10.17
N9 0G D 19 -16.12 4.60 10.60
C8 0G D 19 -15.63 3.34 10.57
N7 0G D 19 -14.37 3.30 11.03
C6 0G D 19 -12.85 5.22 11.93
O6 0G D 19 -11.84 4.54 12.18
C5 0G D 19 -14.03 4.56 11.37
N1 0G D 19 -12.90 6.54 12.14
C2 0G D 19 -14.00 7.28 11.86
N2 0G D 19 -13.97 8.62 12.10
N3 0G D 19 -15.13 6.74 11.34
C4 0G D 19 -15.20 5.41 11.09
P 0U D 20 -21.60 6.08 9.06
OP1 0U D 20 -22.48 4.86 9.19
OP2 0U D 20 -22.10 7.43 9.50
O5' 0U D 20 -21.13 6.19 7.56
C5' 0U D 20 -20.32 7.28 7.11
C4' 0U D 20 -20.59 7.60 5.67
O4' 0U D 20 -21.96 8.04 5.55
C3' 0U D 20 -20.42 6.41 4.71
O3' 0U D 20 -19.83 6.90 3.50
C2' 0U D 20 -21.86 5.98 4.41
O2' 0U D 20 -22.05 5.41 3.13
C1' 0U D 20 -22.64 7.29 4.57
N1 0U D 20 -24.03 7.10 5.01
C2 0U D 20 -25.04 7.93 4.49
O2 0U D 20 -24.74 8.83 3.67
N3 0U D 20 -26.31 7.77 4.88
C4 0U D 20 -26.63 6.80 5.75
O4 0U D 20 -27.82 6.66 6.12
C5 0U D 20 -25.65 5.97 6.27
C6 0U D 20 -24.33 6.13 5.88
P 0U D 21 -18.70 6.05 2.75
OP1 0U D 21 -18.57 4.69 3.38
OP2 0U D 21 -18.97 6.16 1.26
O5' 0U D 21 -17.38 6.88 3.04
C5' 0U D 21 -17.29 8.22 2.59
C4' 0U D 21 -16.08 8.92 3.17
O4' 0U D 21 -14.87 8.25 2.76
C3' 0U D 21 -16.01 8.99 4.69
O3' 0U D 21 -16.69 10.10 5.24
C2' 0U D 21 -14.51 8.98 5.00
O2' 0U D 21 -14.01 10.32 5.01
C1' 0U D 21 -13.92 8.28 3.78
N1 0U D 21 -13.47 6.90 4.07
C2 0U D 21 -12.30 6.71 4.84
O2 0U D 21 -11.68 7.70 5.27
N3 0U D 21 -11.86 5.49 5.12
C4 0U D 21 -12.50 4.40 4.67
O4 0U D 21 -12.06 3.26 4.95
C5 0U D 21 -13.66 4.56 3.91
C6 0U D 21 -14.14 5.84 3.62
P 0G D 22 -16.89 10.26 6.83
OP1 0G D 22 -16.82 8.89 7.48
OP2 0G D 22 -18.10 11.12 7.07
O5' 0G D 22 -15.62 11.08 7.29
C5' 0G D 22 -15.55 12.49 7.07
C4' 0G D 22 -14.59 13.12 8.05
O4' 0G D 22 -13.41 12.28 8.12
C3' 0G D 22 -15.15 13.22 9.47
O3' 0G D 22 -14.71 14.46 10.04
C2' 0G D 22 -14.46 12.08 10.22
O2' 0G D 22 -14.25 12.30 11.60
C1' 0G D 22 -13.15 11.93 9.45
N9 0G D 22 -12.65 10.56 9.48
C8 0G D 22 -13.24 9.47 8.95
N7 0G D 22 -12.52 8.35 9.21
C6 0G D 22 -10.29 8.05 10.56
O6 0G D 22 -10.15 6.81 10.44
C5 0G D 22 -11.45 8.72 9.93
N1 0G D 22 -9.40 8.80 11.24
C2 0G D 22 -9.55 10.14 11.36
N2 0G D 22 -8.63 10.86 12.06
N3 0G D 22 -10.60 10.81 10.83
C4 0G D 22 -11.55 10.17 10.12
P 0U D 23 -15.77 15.64 10.32
OP1 0U D 23 -16.87 15.54 9.28
OP2 0U D 23 -14.94 16.89 10.43
O5' 0U D 23 -16.37 15.32 11.76
C5' 0U D 23 -17.47 14.44 11.94
C4' 0U D 23 -18.06 14.59 13.32
O4' 0U D 23 -18.64 15.92 13.43
C3' 0U D 23 -17.06 14.44 14.47
O3' 0U D 23 -17.69 13.78 15.56
C2' 0U D 23 -16.77 15.89 14.87
O2' 0U D 23 -16.39 16.05 16.22
C1' 0U D 23 -18.09 16.59 14.55
N1 0U D 23 -17.95 18.01 14.20
C2 0U D 23 -18.96 18.92 14.58
O2 0U D 23 -19.96 18.53 15.20
N3 0U D 23 -18.84 20.22 14.26
C4 0U D 23 -17.76 20.66 13.59
O4 0U D 23 -17.66 21.87 13.30
C5 0U D 23 -16.76 19.78 13.21
C6 0U D 23 -16.87 18.43 13.54
P 0U D 24 -17.39 12.24 15.89
OP1 0U D 24 -16.84 11.57 14.64
OP2 0U D 24 -18.61 11.68 16.58
O5' 0U D 24 -16.22 12.28 16.98
C5' 0U D 24 -14.94 12.84 16.67
C4' 0U D 24 -13.83 12.09 17.37
O4' 0U D 24 -13.48 10.94 16.57
C3' 0U D 24 -14.19 11.57 18.77
O3' 0U D 24 -13.04 11.67 19.61
C2' 0U D 24 -14.44 10.07 18.53
O2' 0U D 24 -14.20 9.25 19.65
C1' 0U D 24 -13.46 9.79 17.39
N1 0U D 24 -13.82 8.62 16.58
C2 0U D 24 -12.93 7.53 16.49
O2 0U D 24 -11.82 7.55 17.08
N3 0U D 24 -13.26 6.46 15.76
C4 0U D 24 -14.44 6.41 15.13
O4 0U D 24 -14.73 5.39 14.45
C5 0U D 24 -15.34 7.47 15.21
C6 0U D 24 -15.00 8.58 15.95
P 0G D 25 -12.64 13.04 20.32
OP1 0G D 25 -11.93 12.68 21.60
OP2 0G D 25 -13.84 13.96 20.31
O5' 0G D 25 -11.55 13.66 19.34
C5' 0G D 25 -10.39 12.92 18.97
C4' 0G D 25 -10.04 13.25 17.55
O4' 0G D 25 -11.00 12.65 16.65
C3' 0G D 25 -8.69 12.82 17.01
O3' 0G D 25 -7.64 13.67 17.37
C2' 0G D 25 -8.92 12.72 15.50
O2' 0G D 25 -8.59 13.94 14.87
C1' 0G D 25 -10.43 12.52 15.38
N9 0G D 25 -10.74 11.20 14.81
C8 0G D 25 -11.63 10.97 13.82
N7 0G D 25 -11.64 9.66 13.47
C6 0G D 25 -10.20 7.65 14.33
O6 0G D 25 -10.67 6.75 13.60
C5 0G D 25 -10.71 9.04 14.21
N1 0G D 25 -9.23 7.41 15.23
C2 0G D 25 -8.73 8.38 16.02
N2 0G D 25 -7.76 8.06 16.92
N3 0G D 25 -9.15 9.66 15.97
C4 0G D 25 -10.11 10.05 15.08
P 0G D 26 -6.57 13.20 18.48
OP1 0G D 26 -7.31 12.40 19.52
OP2 0G D 26 -5.79 14.43 18.88
O5' 0G D 26 -5.58 12.22 17.72
C5' 0G D 26 -4.18 12.35 17.89
C4' 0G D 26 -3.39 11.23 17.26
O4' 0G D 26 -3.63 11.17 15.84
C3' 0G D 26 -3.65 9.82 17.76
O3' 0G D 26 -2.98 9.52 18.97
C2' 0G D 26 -3.19 8.95 16.60
O2' 0G D 26 -1.79 8.79 16.66
C1' 0G D 26 -3.51 9.83 15.40
N9 0G D 26 -4.74 9.43 14.71
C8 0G D 26 -5.87 10.16 14.56
N7 0G D 26 -6.81 9.47 13.84
C6 0G D 26 -6.68 7.05 12.79
O6 0G D 26 -7.81 6.97 12.26
C5 0G D 26 -6.25 8.27 13.53
N1 0G D 26 -5.81 6.03 12.70
C2 0G D 26 -4.58 6.08 13.26
N2 0G D 26 -3.75 5.02 13.12
N3 0G D 26 -4.12 7.16 13.94
C4 0G D 26 -4.91 8.25 14.11
P 0G D 27 -3.49 8.31 19.91
OP1 0G D 27 -4.99 8.34 20.03
OP2 0G D 27 -2.68 8.44 21.17
O5' 0G D 27 -3.14 6.98 19.10
C5' 0G D 27 -1.80 6.50 19.00
C4' 0G D 27 -1.80 4.99 18.87
O4' 0G D 27 -2.46 4.63 17.63
C3' 0G D 27 -2.53 4.29 20.00
O3' 0G D 27 -1.80 3.13 20.38
C2' 0G D 27 -3.87 3.91 19.40
O2' 0G D 27 -4.43 2.71 19.92
C1' 0G D 27 -3.59 3.82 17.90
N9 0G D 27 -4.70 4.32 17.08
C8 0G D 27 -5.20 5.57 17.15
N7 0G D 27 -6.26 5.73 16.32
C6 0G D 27 -7.39 4.03 14.69
O6 0G D 27 -8.28 4.80 14.23
C5 0G D 27 -6.45 4.55 15.70
N1 0G D 27 -7.28 2.76 14.30
C2 0G D 27 -6.32 1.93 14.82
N2 0G D 27 -6.27 0.65 14.38
N3 0G D 27 -5.42 2.34 15.75
C4 0G D 27 -5.43 3.61 16.22
O4 3KA D 28 -1.23 3.08 12.80
C4 3KA D 28 -0.34 2.97 13.69
N3 3KA D 28 0.93 3.26 13.37
C2 3KA D 28 1.89 3.18 14.29
O2 3KA D 28 3.08 3.44 13.99
C5 3KA D 28 -0.68 2.59 14.98
C6 3KA D 28 0.31 2.49 15.94
N1 3KA D 28 1.58 2.77 15.60
C1' 3KA D 28 2.63 2.73 16.61
O4' 3KA D 28 2.11 3.47 17.72
C2' 3KA D 28 3.03 1.38 17.19
C3' 3KA D 28 3.52 1.82 18.55
O3' 3KA D 28 4.77 2.50 18.39
C4' 3KA D 28 2.54 2.89 18.96
C5' 3KA D 28 1.34 2.33 19.72
O5' 3KA D 28 0.70 3.43 20.35
P 3KA D 28 -0.54 3.27 21.36
OP1 3KA D 28 -0.43 2.00 22.17
OP2 3KA D 28 -0.67 4.59 22.09
P 0G D 29 6.09 1.99 19.16
OP1 0G D 29 5.84 1.92 20.64
OP2 0G D 29 7.24 2.77 18.58
O5' 0G D 29 6.25 0.47 18.69
C5' 0G D 29 6.80 0.13 17.41
C4' 0G D 29 7.51 -1.21 17.48
O4' 0G D 29 6.51 -2.25 17.52
C3' 0G D 29 8.37 -1.40 18.72
O3' 0G D 29 9.42 -2.31 18.38
C2' 0G D 29 7.42 -2.08 19.70
O2' 0G D 29 8.07 -2.86 20.69
C1' 0G D 29 6.55 -2.92 18.78
N9 0G D 29 5.15 -3.09 19.15
C8 0G D 29 4.20 -2.17 18.92
N7 0G D 29 2.97 -2.61 19.29
C6 0G D 29 2.27 -4.93 20.27
O6 0G D 29 1.04 -4.71 20.38
C5 0G D 29 3.14 -3.87 19.74
N1 0G D 29 2.84 -6.10 20.63
C2 0G D 29 4.16 -6.33 20.52
N2 0G D 29 4.67 -7.54 20.90
N3 0G D 29 5.02 -5.41 20.03
C4 0G D 29 4.58 -4.19 19.63
O4 3KA D 30 14.17 3.77 19.83
C4 3KA D 30 13.50 3.42 18.82
N3 3KA D 30 12.97 4.35 18.03
C2 3KA D 30 12.25 4.02 16.96
O2 3KA D 30 11.75 4.88 16.22
C5 3KA D 30 13.31 2.06 18.54
C6 3KA D 30 12.56 1.71 17.41
N1 3KA D 30 12.04 2.67 16.64
C1' 3KA D 30 11.25 2.32 15.45
O4' 3KA D 30 11.74 1.10 14.92
C2' 3KA D 30 9.78 2.10 15.77
C3' 3KA D 30 9.37 0.97 14.83
O3' 3KA D 30 8.96 1.62 13.62
C4' 3KA D 30 10.66 0.22 14.58
C5' 3KA D 30 10.76 -1.06 15.44
O5' 3KA D 30 10.63 -0.70 16.83
P 3KA D 30 10.89 -1.74 18.04
OP1 3KA D 30 11.73 -2.88 17.54
OP2 3KA D 30 11.29 -0.90 19.22
P 0C D 31 8.17 0.82 12.47
OP1 0C D 31 8.98 -0.39 12.03
OP2 0C D 31 7.80 1.88 11.48
O5' 0C D 31 6.87 0.26 13.20
C5' 0C D 31 5.78 1.09 13.56
C4' 0C D 31 4.57 0.24 13.85
O4' 0C D 31 4.94 -0.75 14.85
C3' 0C D 31 4.06 -0.52 12.62
O3' 0C D 31 2.64 -0.50 12.63
C2' 0C D 31 4.54 -1.95 12.85
O2' 0C D 31 3.74 -2.97 12.27
C1' 0C D 31 4.60 -2.04 14.39
N1 0C D 31 5.63 -2.99 14.83
C2 0C D 31 5.29 -4.10 15.64
O2 0C D 31 4.10 -4.24 16.02
N3 0C D 31 6.25 -4.98 15.99
C4 0C D 31 7.53 -4.80 15.57
N4 0C D 31 8.49 -5.69 15.93
C5 0C D 31 7.87 -3.72 14.77
C6 0C D 31 6.88 -2.82 14.40
P 0G D 32 1.84 -0.20 11.26
OP1 0G D 32 1.81 -1.48 10.47
OP2 0G D 32 2.36 1.06 10.67
O5' 0G D 32 0.36 0.06 11.77
C5' 0G D 32 -0.38 -0.98 12.39
C4' 0G D 32 -1.44 -1.52 11.45
O4' 0G D 32 -2.20 -0.41 10.90
C3' 0G D 32 -2.44 -2.46 12.11
O3' 0G D 32 -2.81 -3.46 11.16
C2' 0G D 32 -3.65 -1.56 12.33
O2' 0G D 32 -4.89 -2.23 12.43
C1' 0G D 32 -3.57 -0.63 11.11
N9 0G D 32 -4.24 0.65 11.33
C8 0G D 32 -3.81 1.62 12.16
N7 0G D 32 -4.68 2.66 12.16
C6 0G D 32 -6.94 2.95 10.88
O6 0G D 32 -7.24 4.08 11.30
C5 0G D 32 -5.69 2.32 11.33
N1 0G D 32 -7.72 2.27 10.02
C2 0G D 32 -7.39 1.04 9.56
N2 0G D 32 -8.23 0.40 8.70
N3 0G D 32 -6.26 0.40 9.94
C4 0G D 32 -5.40 0.98 10.80
P 0A D 33 -1.93 -4.79 11.01
N1 0A D 33 3.33 -9.93 14.68
C2 0A D 33 2.24 -10.70 14.79
N3 0A D 33 0.98 -10.24 14.64
C4 0A D 33 0.77 -8.94 14.35
C5 0A D 33 1.92 -8.03 14.21
C6 0A D 33 3.26 -8.61 14.40
N6 0A D 33 4.40 -7.88 14.29
N7 0A D 33 1.42 -6.81 13.92
C8 0A D 33 0.06 -6.93 13.88
N9 0A D 33 -0.31 -8.20 14.14
C1' 0A D 33 -1.66 -8.78 14.16
C2' 0A D 33 -1.88 -9.64 12.91
O2' 0A D 33 -2.89 -10.59 13.21
C3' 0A D 33 -2.45 -8.61 11.94
O3' 0A D 33 -3.15 -9.14 10.84
C4' 0A D 33 -3.31 -7.73 12.84
O4' 0A D 33 -2.62 -7.74 14.13
C5' 0A D 33 -3.54 -6.32 12.37
O5' 0A D 33 -2.32 -5.63 12.30
OP1 0A D 33 -2.42 -5.48 9.74
OP2 0A D 33 -0.46 -4.53 11.11
P 0C D 34 -2.34 -9.61 9.53
OP1 0C D 34 -3.37 -9.89 8.47
OP2 0C D 34 -1.20 -8.69 9.21
O5' 0C D 34 -1.66 -10.97 9.97
C5' 0C D 34 -2.44 -12.08 10.34
C4' 0C D 34 -1.56 -13.24 10.71
O4' 0C D 34 -0.76 -12.93 11.88
C3' 0C D 34 -0.54 -13.66 9.66
O3' 0C D 34 -1.07 -14.45 8.60
C2' 0C D 34 0.54 -14.35 10.49
O2' 0C D 34 0.11 -15.65 10.84
C1' 0C D 34 0.54 -13.49 11.75
N1 0C D 34 1.55 -12.41 11.65
C2 0C D 34 2.90 -12.77 11.80
O2 0C D 34 3.22 -13.96 12.05
N3 0C D 34 3.87 -11.84 11.71
C4 0C D 34 3.55 -10.55 11.45
N4 0C D 34 4.54 -9.64 11.35
C5 0C D 34 2.22 -10.17 11.28
C6 0C D 34 1.22 -11.14 11.38
P 0G D 35 -0.51 -14.21 7.11
OP1 0G D 35 -1.26 -15.13 6.19
OP2 0G D 35 -0.42 -12.74 6.79
O5' 0G D 35 0.99 -14.74 7.21
C5' 0G D 35 1.23 -16.11 7.50
C4' 0G D 35 2.67 -16.37 7.80
O4' 0G D 35 3.11 -15.61 8.95
C3' 0G D 35 3.68 -16.04 6.70
O3' 0G D 35 3.81 -17.06 5.74
C2' 0G D 35 4.95 -15.73 7.46
O2' 0G D 35 5.61 -16.92 7.83
C1' 0G D 35 4.40 -15.08 8.72
N9 0G D 35 4.28 -13.62 8.57
C8 0G D 35 3.15 -12.88 8.51
N7 0G D 35 3.46 -11.56 8.40
C6 0G D 35 5.80 -10.36 8.27
O6 0G D 35 5.42 -9.18 8.17
C5 0G D 35 4.80 -11.46 8.38
N1 0G D 35 7.10 -10.70 8.28
C2 0G D 35 7.53 -11.97 8.39
N2 0G D 35 8.86 -12.22 8.40
N3 0G D 35 6.68 -13.02 8.48
C4 0G D 35 5.34 -12.82 8.49
P 0C D 36 3.69 -16.72 4.18
OP1 0C D 36 3.74 -18.04 3.44
OP2 0C D 36 2.53 -15.79 3.98
O5' 0C D 36 5.03 -15.92 3.87
C5' 0C D 36 6.28 -16.56 3.99
C4' 0C D 36 7.42 -15.56 4.05
O4' 0C D 36 7.31 -14.72 5.23
C3' 0C D 36 7.54 -14.60 2.89
O3' 0C D 36 8.16 -15.14 1.74
C2' 0C D 36 8.28 -13.41 3.50
O2' 0C D 36 9.66 -13.73 3.60
C1' 0C D 36 7.69 -13.40 4.90
N1 0C D 36 6.50 -12.50 4.98
C2 0C D 36 6.74 -11.11 5.07
O2 0C D 36 7.91 -10.70 5.06
N3 0C D 36 5.71 -10.25 5.16
C4 0C D 36 4.44 -10.69 5.15
N4 0C D 36 3.41 -9.82 5.24
C5 0C D 36 4.18 -12.07 5.06
C6 0C D 36 5.25 -12.96 4.98
P 0A D 37 7.73 -14.63 0.29
N1 0A D 37 4.67 -6.55 2.01
C2 0A D 37 5.95 -6.23 1.80
N3 0A D 37 6.94 -7.12 1.61
C4 0A D 37 6.66 -8.45 1.62
C5 0A D 37 5.28 -8.90 1.83
C6 0A D 37 4.26 -7.85 2.03
N6 0A D 37 2.96 -8.15 2.22
N7 0A D 37 5.30 -10.25 1.78
C8 0A D 37 6.58 -10.62 1.57
N9 0A D 37 7.39 -9.55 1.46
C1' 0A D 37 8.85 -9.56 1.26
C2' 0A D 37 9.27 -9.20 -0.17
O2' 0A D 37 10.52 -8.54 -0.07
C3' 0A D 37 9.48 -10.59 -0.78
O3' 0A D 37 10.37 -10.61 -1.88
C4' 0A D 37 9.96 -11.43 0.38
O4' 0A D 37 9.34 -10.85 1.55
C5' 0A D 37 9.66 -12.91 0.28
O5' 0A D 37 8.27 -13.14 0.24
OP1 0A D 37 8.50 -15.45 -0.71
OP2 0A D 37 6.22 -14.52 0.20
P 0DC D 38 9.81 -10.63 -3.38
OP1 0DC D 38 8.68 -11.63 -3.44
OP2 0DC D 38 11.00 -10.79 -4.28
O5' 0DC D 38 9.18 -9.16 -3.57
C5' 0DC D 38 10.03 -8.03 -3.68
C4' 0DC D 38 9.23 -6.76 -3.40
O4' 0DC D 38 8.55 -6.86 -2.15
C3' 0DC D 38 8.17 -6.50 -4.44
O3' 0DC D 38 8.63 -5.66 -5.51
C2' 0DC D 38 7.08 -5.78 -3.66
C1' 0DC D 38 7.26 -6.23 -2.23
N1 0DC D 38 6.19 -7.18 -1.94
C2 0DC D 38 4.94 -6.70 -1.49
O2 0DC D 38 4.76 -5.47 -1.33
N3 0DC D 38 3.96 -7.56 -1.20
C4 0DC D 38 4.13 -8.89 -1.35
N4 0DC D 38 3.11 -9.73 -1.06
C5 0DC D 38 5.35 -9.38 -1.81
C6 0DC D 38 6.38 -8.49 -2.11
P 0G D 39 7.73 -5.42 -6.82
OP1 0G D 39 7.06 -6.70 -7.28
OP2 0G D 39 8.59 -4.66 -7.79
O5' 0G D 39 6.58 -4.44 -6.33
C5' 0G D 39 6.88 -3.11 -5.94
C4' 0G D 39 5.65 -2.36 -5.51
O4' 0G D 39 5.11 -2.92 -4.28
C3' 0G D 39 4.48 -2.38 -6.48
O3' 0G D 39 4.60 -1.43 -7.52
C2' 0G D 39 3.27 -2.17 -5.59
O2' 0G D 39 3.14 -0.80 -5.24
C1' 0G D 39 3.70 -2.91 -4.33
N9 0G D 39 3.20 -4.30 -4.30
C8 0G D 39 3.90 -5.42 -4.56
N7 0G D 39 3.13 -6.52 -4.40
C6 0G D 39 0.62 -6.74 -3.68
O6 0G D 39 0.50 -7.99 -3.71
C5 0G D 39 1.91 -6.11 -4.02
N1 0G D 39 -0.40 -5.95 -3.34
C2 0G D 39 -0.31 -4.61 -3.32
N2 0G D 39 -1.39 -3.88 -2.97
N3 0G D 39 0.84 -3.95 -3.61
C4 0G D 39 1.96 -4.64 -3.96
P 0C D 40 3.99 -1.77 -8.96
OP1 0C D 40 4.46 -3.13 -9.40
OP2 0C D 40 4.28 -0.57 -9.82
O5' 0C D 40 2.42 -1.84 -8.69
C5' 0C D 40 1.70 -0.65 -8.42
C4' 0C D 40 0.26 -0.93 -8.07
O4' 0C D 40 0.16 -1.81 -6.92
C3' 0C D 40 -0.60 -1.57 -9.14
O3' 0C D 40 -1.11 -0.65 -10.09
C2' 0C D 40 -1.68 -2.32 -8.35
O2' 0C D 40 -2.77 -1.44 -8.07
C1' 0C D 40 -0.96 -2.64 -7.03
N1 0C D 40 -0.54 -4.06 -6.99
C2 0C D 40 -1.51 -5.03 -6.63
O2 0C D 40 -2.67 -4.67 -6.35
N3 0C D 40 -1.19 -6.33 -6.58
C4 0C D 40 0.06 -6.73 -6.90
N4 0C D 40 0.34 -8.06 -6.86
C5 0C D 40 1.01 -5.80 -7.27
C6 0C D 40 0.69 -4.45 -7.31
O5' 0G E 1 0.22 -7.25 -11.62
C5' 0G E 1 0.23 -5.86 -11.35
C4' 0G E 1 -1.13 -5.35 -10.97
O4' 0G E 1 -1.47 -5.76 -9.62
C3' 0G E 1 -2.30 -5.81 -11.85
O3' 0G E 1 -2.54 -4.99 -12.97
C2' 0G E 1 -3.47 -5.89 -10.86
O2' 0G E 1 -4.04 -4.60 -10.67
C1' 0G E 1 -2.77 -6.29 -9.58
N9 0G E 1 -2.69 -7.75 -9.43
C8 0G E 1 -1.58 -8.51 -9.48
N7 0G E 1 -1.89 -9.82 -9.31
C6 0G E 1 -4.19 -11.01 -8.91
O6 0G E 1 -3.82 -12.20 -8.82
C5 0G E 1 -3.22 -9.92 -9.14
N1 0G E 1 -5.48 -10.67 -8.80
C2 0G E 1 -5.91 -9.41 -8.88
N2 0G E 1 -7.24 -9.16 -8.75
N3 0G E 1 -5.07 -8.36 -9.09
C4 0G E 1 -3.75 -8.55 -9.23
P 0C E 2 -3.03 -5.64 -14.35
OP1 0C E 2 -2.28 -6.91 -14.64
OP2 0C E 2 -3.05 -4.53 -15.36
O5' 0C E 2 -4.53 -6.08 -14.06
C5' 0C E 2 -5.50 -5.11 -13.73
C4' 0C E 2 -6.83 -5.75 -13.42
O4' 0C E 2 -6.77 -6.53 -12.19
C3' 0C E 2 -7.35 -6.74 -14.46
O3' 0C E 2 -7.92 -6.14 -15.61
C2' 0C E 2 -8.28 -7.62 -13.66
O2' 0C E 2 -9.54 -6.99 -13.46
C1' 0C E 2 -7.55 -7.70 -12.33
N1 0C E 2 -6.69 -8.90 -12.26
C2 0C E 2 -7.30 -10.13 -11.98
O2 0C E 2 -8.53 -10.16 -11.78
N3 0C E 2 -6.57 -11.27 -11.93
C4 0C E 2 -5.23 -11.22 -12.15
N4 0C E 2 -4.51 -12.37 -12.10
C5 0C E 2 -4.62 -10.01 -12.45
C6 0C E 2 -5.38 -8.84 -12.50
P 0G E 3 -7.81 -6.90 -17.01
OP1 0G E 3 -6.41 -7.37 -17.26
OP2 0G E 3 -8.47 -6.01 -18.04
O5' 0G E 3 -8.70 -8.19 -16.82
C5' 0G E 3 -10.10 -8.06 -16.63
C4' 0G E 3 -10.75 -9.38 -16.32
O4' 0G E 3 -10.28 -9.95 -15.07
C3' 0G E 3 -10.56 -10.50 -17.33
O3' 0G E 3 -11.33 -10.33 -18.50
C2' 0G E 3 -10.89 -11.74 -16.53
O2' 0G E 3 -12.29 -11.89 -16.39
C1' 0G E 3 -10.31 -11.36 -15.16
N9 0G E 3 -8.95 -11.90 -15.05
C8 0G E 3 -7.77 -11.30 -15.31
N7 0G E 3 -6.75 -12.17 -15.17
C6 0G E 3 -6.78 -14.73 -14.53
O6 0G E 3 -5.57 -14.96 -14.57
C5 0G E 3 -7.28 -13.36 -14.83
N1 0G E 3 -7.68 -15.68 -14.23
C2 0G E 3 -9.01 -15.43 -14.20
N2 0G E 3 -9.86 -16.44 -13.88
N3 0G E 3 -9.53 -14.22 -14.45
C4 0G E 3 -8.72 -13.18 -14.77
P 0A E 4 -10.75 -10.77 -19.92
N1 0A E 4 -17.51 -5.45 -20.19
C2 0A E 4 -18.01 -6.59 -20.70
N3 0A E 4 -17.31 -7.74 -20.75
C4 0A E 4 -16.04 -7.78 -20.26
C5 0A E 4 -15.43 -6.58 -19.70
C6 0A E 4 -16.26 -5.37 -19.67
N6 0A E 4 -15.75 -4.23 -19.17
N7 0A E 4 -14.19 -6.90 -19.29
C8 0A E 4 -14.01 -8.22 -19.59
N9 0A E 4 -15.11 -8.72 -20.17
C1' 0A E 4 -15.29 -10.11 -20.58
C2' 0A E 4 -14.82 -11.11 -19.53
O2' 0A E 4 -15.78 -11.34 -18.51
C3' 0A E 4 -14.46 -12.32 -20.38
O3' 0A E 4 -15.65 -13.05 -20.66
C4' 0A E 4 -13.95 -11.69 -21.68
O4' 0A E 4 -14.51 -10.35 -21.73
C5' 0A E 4 -12.45 -11.58 -21.76
O5' 0A E 4 -12.01 -10.57 -20.87
OP1 0A E 4 -10.39 -12.24 -19.85
OP2 0A E 4 -9.69 -9.79 -20.35
P 0U E 5 -15.53 -14.62 -20.97
OP1 0U E 5 -16.86 -15.09 -21.52
OP2 0U E 5 -14.27 -14.87 -21.77
O5' 0U E 5 -15.32 -15.26 -19.54
C5' 0U E 5 -16.37 -15.28 -18.60
C4' 0U E 5 -16.12 -16.34 -17.57
O4' 0U E 5 -15.03 -15.93 -16.70
C3' 0U E 5 -15.71 -17.70 -18.13
O3' 0U E 5 -16.81 -18.52 -18.44
C2' 0U E 5 -14.74 -18.26 -17.10
O2' 0U E 5 -15.46 -18.90 -16.05
C1' 0U E 5 -14.13 -17.00 -16.52
N1 0U E 5 -12.80 -16.64 -17.05
C2 0U E 5 -11.70 -17.48 -16.76
O2 0U E 5 -11.87 -18.55 -16.12
N3 0U E 5 -10.48 -17.15 -17.16
C4 0U E 5 -10.26 -16.02 -17.82
O4 0U E 5 -9.08 -15.74 -18.18
C5 0U E 5 -11.31 -15.15 -18.14
C6 0U E 5 -12.60 -15.50 -17.71
P 0G E 6 -17.02 -19.01 -19.96
OP1 0G E 6 -18.42 -19.55 -20.02
OP2 0G E 6 -16.54 -17.96 -20.94
O5' 0G E 6 -16.04 -20.26 -20.05
C5' 0G E 6 -16.29 -21.38 -19.20
C4' 0G E 6 -15.07 -22.23 -18.99
O4' 0G E 6 -14.03 -21.51 -18.29
C3' 0G E 6 -14.39 -22.79 -20.22
O3' 0G E 6 -15.06 -23.88 -20.82
C2' 0G E 6 -12.99 -23.10 -19.72
O2' 0G E 6 -13.00 -24.34 -19.01
C1' 0G E 6 -12.77 -22.00 -18.68
N9 0G E 6 -11.96 -20.89 -19.21
C8 0G E 6 -12.38 -19.65 -19.52
N7 0G E 6 -11.34 -18.88 -19.91
C6 0G E 6 -8.78 -19.45 -20.14
O6 0G E 6 -8.35 -18.36 -20.54
C5 0G E 6 -10.22 -19.63 -19.86
N1 0G E 6 -7.96 -20.50 -19.95
C2 0G E 6 -8.40 -21.70 -19.52
N2 0G E 6 -7.50 -22.70 -19.35
N3 0G E 6 -9.71 -21.94 -19.23
C4 0G E 6 -10.64 -20.96 -19.38
O4 3KA E 7 -9.99 -19.15 -23.39
C4 3KA E 7 -9.93 -20.38 -23.16
N3 3KA E 7 -8.74 -21.00 -23.15
C2 3KA E 7 -8.64 -22.32 -22.90
O2 3KA E 7 -7.52 -22.88 -22.90
C5 3KA E 7 -11.09 -21.11 -22.90
C6 3KA E 7 -10.99 -22.47 -22.64
N1 3KA E 7 -9.79 -23.07 -22.64
C1' 3KA E 7 -9.67 -24.50 -22.34
O4' 3KA E 7 -10.74 -24.88 -21.47
C2' 3KA E 7 -9.79 -25.32 -23.63
C3' 3KA E 7 -11.02 -26.20 -23.45
O3' 3KA E 7 -10.71 -27.57 -23.72
C4' 3KA E 7 -11.41 -26.05 -21.99
C5' 3KA E 7 -12.93 -25.91 -21.87
O5' 3KA E 7 -13.32 -24.68 -22.49
P 3KA E 7 -14.85 -24.20 -22.38
OP1 3KA E 7 -15.74 -25.37 -22.69
OP2 3KA E 7 -14.98 -22.90 -23.16
P 0G E 8 -10.99 -28.20 -25.18
OP1 0G E 8 -10.55 -29.64 -25.14
OP2 0G E 8 -12.41 -27.89 -25.59
O5' 0G E 8 -10.02 -27.40 -26.15
C5' 0G E 8 -8.60 -27.56 -26.08
C4' 0G E 8 -7.91 -26.59 -27.00
O4' 0G E 8 -8.18 -25.24 -26.54
C3' 0G E 8 -8.37 -26.65 -28.46
O3' 0G E 8 -7.24 -26.54 -29.32
C2' 0G E 8 -9.19 -25.37 -28.63
O2' 0G E 8 -9.19 -24.84 -29.94
C1' 0G E 8 -8.52 -24.43 -27.65
N9 0G E 8 -9.35 -23.32 -27.21
C8 0G E 8 -8.95 -22.04 -27.20
N7 0G E 8 -9.93 -21.21 -26.77
C6 0G E 8 -12.36 -21.76 -25.97
O6 0G E 8 -12.73 -20.60 -25.71
C5 0G E 8 -10.99 -21.99 -26.49
N1 0G E 8 -13.17 -22.82 -25.82
C2 0G E 8 -12.77 -24.07 -26.11
N2 0G E 8 -13.65 -25.08 -25.92
N3 0G E 8 -11.52 -24.37 -26.58
C4 0G E 8 -10.62 -23.38 -26.79
P 0G E 9 -6.41 -27.83 -29.77
OP1 0G E 9 -6.69 -28.97 -28.82
OP2 0G E 9 -6.65 -28.02 -31.25
O5' 0G E 9 -4.91 -27.36 -29.57
C5' 0G E 9 -3.82 -28.26 -29.67
C4' 0G E 9 -2.51 -27.54 -29.58
O4' 0G E 9 -2.24 -27.12 -28.21
C3' 0G E 9 -2.38 -26.27 -30.43
O3' 0G E 9 -1.91 -26.49 -31.75
C2' 0G E 9 -1.50 -25.36 -29.59
O2' 0G E 9 -0.12 -25.67 -29.79
C1' 0G E 9 -1.88 -25.76 -28.17
N9 0G E 9 -3.03 -24.98 -27.70
C8 0G E 9 -4.24 -25.43 -27.34
N7 0G E 9 -5.05 -24.42 -26.97
C6 0G E 9 -4.62 -21.83 -26.86
O6 0G E 9 -5.74 -21.44 -26.45
C5 0G E 9 -4.36 -23.27 -27.08
N1 0G E 9 -3.64 -20.96 -27.11
C2 0G E 9 -2.42 -21.36 -27.55
N2 0G E 9 -1.47 -20.41 -27.78
N3 0G E 9 -2.12 -22.66 -27.78
C4 0G E 9 -3.03 -23.63 -27.57
P 0U E 10 -2.64 -25.78 -33.00
OP1 0U E 10 -2.13 -26.39 -34.29
OP2 0U E 10 -4.14 -25.78 -32.76
O5' 0U E 10 -2.14 -24.28 -32.95
C5' 0U E 10 -0.79 -23.96 -32.70
C4' 0U E 10 -0.58 -22.49 -32.51
O4' 0U E 10 -1.01 -22.07 -31.19
C3' 0U E 10 -1.34 -21.57 -33.47
O3' 0U E 10 -0.70 -21.38 -34.72
C2' 0U E 10 -1.54 -20.29 -32.67
O2' 0U E 10 -0.39 -19.46 -32.75
C1' 0U E 10 -1.63 -20.82 -31.23
N1 0U E 10 -3.04 -20.93 -30.79
C2 0U E 10 -3.74 -19.75 -30.46
O2 0U E 10 -3.16 -18.64 -30.55
N3 0U E 10 -5.02 -19.80 -30.06
C4 0U E 10 -5.65 -20.98 -29.95
O4 0U E 10 -6.85 -21.00 -29.57
C5 0U E 10 -4.98 -22.15 -30.27
C6 0U E 10 -3.66 -22.12 -30.70
P 0G E 11 -1.59 -21.23 -36.04
OP1 0G E 11 -2.57 -22.38 -36.13
OP2 0G E 11 -0.67 -20.93 -37.20
O5' 0G E 11 -2.45 -19.91 -35.77
C5' 0G E 11 -1.84 -18.64 -35.80
C4' 0G E 11 -2.78 -17.55 -35.36
O4' 0G E 11 -3.25 -17.80 -34.00
C3' 0G E 11 -4.04 -17.39 -36.20
O3' 0G E 11 -3.85 -16.56 -37.32
C2' 0G E 11 -5.09 -16.89 -35.20
O2' 0G E 11 -5.01 -15.49 -35.05
C1' 0G E 11 -4.63 -17.53 -33.90
N9 0G E 11 -5.36 -18.77 -33.60
C8 0G E 11 -4.92 -20.04 -33.77
N7 0G E 11 -5.86 -20.94 -33.39
C6 0G E 11 -8.28 -20.56 -32.43
O6 0G E 11 -8.64 -21.75 -32.27
C5 0G E 11 -6.93 -20.24 -32.97
N1 0G E 11 -9.09 -19.54 -32.11
C2 0G E 11 -8.73 -18.26 -32.26
N2 0G E 11 -9.60 -17.28 -31.92
N3 0G E 11 -7.51 -17.90 -32.75
C4 0G E 11 -6.59 -18.82 -33.11
P 0G E 12 -4.18 -17.14 -38.79
OP1 0G E 12 -3.52 -18.49 -38.92
OP2 0G E 12 -3.85 -16.07 -39.79
O5' 0G E 12 -5.74 -17.38 -38.75
C5' 0G E 12 -6.66 -16.29 -38.71
C4' 0G E 12 -7.93 -16.60 -39.46
O4' 0G E 12 -8.54 -17.79 -38.91
C3' 0G E 12 -7.73 -16.88 -40.96
O3' 0G E 12 -8.62 -16.04 -41.72
C2' 0G E 12 -8.19 -18.33 -41.15
O2' 0G E 12 -8.86 -18.58 -42.38
C1' 0G E 12 -9.10 -18.54 -39.94
N9 0G E 12 -9.26 -19.93 -39.54
C8 0G E 12 -8.44 -20.97 -39.78
N7 0G E 12 -8.96 -22.12 -39.28
C6 0G E 12 -11.21 -22.54 -37.99
O6 0G E 12 -11.14 -23.77 -37.78
C5 0G E 12 -10.14 -21.82 -38.71
N1 0G E 12 -12.28 -21.84 -37.57
C2 0G E 12 -12.40 -20.51 -37.78
N2 0G E 12 -13.49 -19.85 -37.34
N3 0G E 12 -11.46 -19.79 -38.43
C4 0G E 12 -10.34 -20.38 -38.90
P 0U E 13 -8.27 -14.50 -41.97
OP1 0U E 13 -6.78 -14.39 -42.14
OP2 0U E 13 -9.21 -14.00 -43.05
O5' 0U E 13 -8.71 -13.81 -40.60
C5' 0U E 13 -8.13 -12.58 -40.17
C4' 0U E 13 -9.17 -11.73 -39.48
O4' 0U E 13 -9.86 -12.54 -38.50
C3' 0U E 13 -10.23 -11.17 -40.43
O3' 0U E 13 -10.57 -9.85 -39.99
C2' 0U E 13 -11.43 -12.08 -40.20
O2' 0U E 13 -12.68 -11.49 -40.45
C1' 0U E 13 -11.25 -12.47 -38.73
N1 0U E 13 -11.85 -13.77 -38.36
C2 0U E 13 -13.00 -13.77 -37.56
O2 0U E 13 -13.49 -12.69 -37.17
N3 0U E 13 -13.58 -14.93 -37.20
C4 0U E 13 -13.07 -16.11 -37.61
O4 0U E 13 -13.61 -17.18 -37.27
C5 0U E 13 -11.93 -16.11 -38.41
C6 0U E 13 -11.32 -14.92 -38.79
P 0DG E 14 -9.87 -8.56 -40.64
OP1 0DG E 14 -9.43 -8.91 -42.05
OP2 0DG E 14 -10.79 -7.40 -40.41
O5' 0DG E 14 -8.53 -8.34 -39.74
C5' 0DG E 14 -8.57 -8.41 -38.33
C4' 0DG E 14 -7.16 -8.34 -37.77
O4' 0DG E 14 -6.44 -9.54 -38.04
C3' 0DG E 14 -7.18 -8.16 -36.26
O3' 0DG E 14 -6.77 -6.84 -35.94
C2' 0DG E 14 -6.19 -9.15 -35.70
C1' 0DG E 14 -5.74 -10.00 -36.88
N9 0DG E 14 -6.11 -11.43 -36.69
C8 0DG E 14 -5.31 -12.49 -36.90
N7 0DG E 14 -5.95 -13.65 -36.65
C5 0DG E 14 -7.20 -13.35 -36.25
C6 0DG E 14 -8.40 -14.09 -35.83
O6 0DG E 14 -8.39 -15.35 -35.80
N1 0DG E 14 -9.51 -13.40 -35.52
C2 0DG E 14 -9.54 -12.05 -35.57
N2 0DG E 14 -10.69 -11.42 -35.23
N3 0DG E 14 -8.48 -11.30 -35.94
C4 0DG E 14 -7.30 -11.88 -36.29
C8A 0DA E 15 -6.91 -10.47 -32.45
N9A 0DA E 15 -8.18 -10.49 -32.00
C4A 0DA E 15 -8.61 -11.75 -31.99
C5A 0DA E 15 -7.50 -12.57 -32.48
N7A 0DA E 15 -6.48 -11.72 -32.75
N3A 0DA E 15 -9.78 -12.35 -31.64
C2A 0DA E 15 -9.92 -13.67 -31.75
N1A 0DA E 15 -8.94 -14.49 -32.19
C6A 0DA E 15 -7.73 -14.02 -32.57
N6A 0DA E 15 -6.78 -14.87 -33.01
C4' 0DA E 15 -8.78 -7.01 -31.48
O4' 0DA E 15 -8.13 -8.25 -31.17
C3' 0DA E 15 -10.04 -7.35 -32.26
C2' 0DA E 15 -9.87 -8.80 -32.68
C1' 0DA E 15 -8.98 -9.33 -31.56
O3' 0DA E 15 -11.12 -7.31 -31.35
C5' 0DA E 15 -7.86 -6.10 -32.29
O5' 0DA E 15 -7.49 -6.75 -33.51
P 0DA E 15 -7.62 -5.96 -34.89
OP2 0DA E 15 -6.92 -4.62 -34.75
OP1 0DA E 15 -9.07 -6.01 -35.32
P 0A E 16 -12.23 -6.15 -31.43
N1 0A E 16 -19.00 -1.21 -28.80
C2 0A E 16 -17.90 -0.64 -28.30
N3 0A E 16 -16.65 -1.13 -28.46
C4 0A E 16 -16.45 -2.27 -29.17
C5 0A E 16 -17.61 -2.96 -29.76
C6 0A E 16 -18.95 -2.36 -29.53
N6 0A E 16 -20.07 -2.93 -30.04
N7 0A E 16 -17.11 -4.05 -30.40
C8 0A E 16 -15.77 -4.04 -30.23
N9 0A E 16 -15.38 -2.99 -29.49
C1' 0A E 16 -14.02 -2.59 -29.12
C2' 0A E 16 -13.21 -2.06 -30.29
O2' 0A E 16 -13.54 -0.72 -30.60
C3' 0A E 16 -11.77 -2.28 -29.81
O3' 0A E 16 -11.39 -1.13 -29.08
C4' 0A E 16 -11.90 -3.47 -28.86
O4' 0A E 16 -13.30 -3.68 -28.61
C5' 0A E 16 -11.31 -4.76 -29.39
O5' 0A E 16 -11.51 -4.88 -30.78
OP1 0A E 16 -13.34 -6.60 -30.50
OP2 0A E 16 -12.51 -5.86 -32.88
P 0G E 17 -9.84 -0.68 -28.98
OP1 0G E 17 -9.08 -1.26 -30.13
OP2 0G E 17 -9.86 0.81 -28.74
O5' 0G E 17 -9.35 -1.38 -27.65
C5' 0G E 17 -9.89 -1.00 -26.39
C4' 0G E 17 -9.85 -2.16 -25.43
O4' 0G E 17 -10.55 -3.29 -25.99
C3' 0G E 17 -10.46 -1.93 -24.06
O3' 0G E 17 -9.54 -1.42 -23.12
C2' 0G E 17 -11.05 -3.28 -23.66
O2' 0G E 17 -10.13 -4.01 -22.85
C1' 0G E 17 -11.19 -4.03 -24.98
N9 0G E 17 -12.62 -4.22 -25.34
C8 0G E 17 -13.18 -5.37 -25.75
N7 0G E 17 -14.50 -5.22 -25.97
C6 0G E 17 -16.04 -3.10 -25.68
O6 0G E 17 -17.14 -3.60 -26.02
C5 0G E 17 -14.82 -3.93 -25.68
N1 0G E 17 -15.94 -1.83 -25.31
C2 0G E 17 -14.77 -1.27 -24.94
N2 0G E 17 -14.74 0.04 -24.58
N3 0G E 17 -13.60 -1.97 -24.91
C4 0G E 17 -13.57 -3.28 -25.25
P 0G E 18 -9.60 0.14 -22.68
OP1 0G E 18 -8.41 0.38 -21.80
OP2 0G E 18 -9.81 1.01 -23.90
O5' 0G E 18 -10.89 0.25 -21.76
C5' 0G E 18 -10.90 1.18 -20.69
C4' 0G E 18 -12.27 1.43 -20.12
O4' 0G E 18 -12.94 0.20 -19.77
C3' 0G E 18 -13.27 2.18 -20.98
O3' 0G E 18 -13.03 3.57 -21.03
C2' 0G E 18 -14.61 1.80 -20.36
O2' 0G E 18 -14.87 2.64 -19.23
C1' 0G E 18 -14.34 0.39 -19.84
N9 0G E 18 -14.94 -0.65 -20.70
C8 0G E 18 -14.31 -1.65 -21.32
N7 0G E 18 -15.20 -2.41 -22.02
C6 0G E 18 -17.80 -2.20 -22.28
O6 0G E 18 -18.02 -3.19 -23.03
C5 0G E 18 -16.42 -1.89 -21.84
N1 0G E 18 -18.80 -1.40 -21.86
C2 0G E 18 -18.58 -0.33 -21.06
N2 0G E 18 -19.63 0.44 -20.67
N3 0G E 18 -17.33 0.01 -20.61
C4 0G E 18 -16.24 -0.72 -20.96
P 0G E 19 -13.61 4.46 -22.25
OP1 0G E 19 -13.46 3.72 -23.56
OP2 0G E 19 -13.01 5.84 -22.12
O5' 0G E 19 -15.17 4.58 -21.94
C5' 0G E 19 -15.70 5.63 -21.16
C4' 0G E 19 -17.20 5.72 -21.29
O4' 0G E 19 -17.73 4.38 -21.47
C3' 0G E 19 -17.67 6.53 -22.50
O3' 0G E 19 -18.92 7.14 -22.18
C2' 0G E 19 -17.96 5.45 -23.55
O2' 0G E 19 -18.91 5.82 -24.53
C1' 0G E 19 -18.44 4.29 -22.68
N9 0G E 19 -18.23 2.97 -23.25
C8 0G E 19 -17.04 2.36 -23.39
N7 0G E 19 -17.19 1.13 -23.93
C6 0G E 19 -19.33 -0.14 -24.69
O6 0G E 19 -18.78 -1.19 -25.09
C5 0G E 19 -18.50 0.95 -24.14
N1 0G E 19 -20.65 0.06 -24.75
C2 0G E 19 -21.23 1.20 -24.32
N2 0G E 19 -22.59 1.32 -24.41
N3 0G E 19 -20.53 2.24 -23.80
C4 0G E 19 -19.19 2.16 -23.69
P 0U E 20 -19.00 8.38 -21.16
OP1 0U E 20 -20.36 9.01 -21.37
OP2 0U E 20 -17.73 9.19 -21.33
O5' 0U E 20 -18.99 7.72 -19.71
C5' 0U E 20 -20.15 7.12 -19.16
C4' 0U E 20 -20.15 7.22 -17.65
O4' 0U E 20 -20.34 8.61 -17.29
C3' 0U E 20 -18.85 6.77 -16.97
O3' 0U E 20 -19.18 6.24 -15.70
C2' 0U E 20 -18.11 8.09 -16.75
O2' 0U E 20 -17.19 8.06 -15.68
C1' 0U E 20 -19.26 9.05 -16.48
N1 0U E 20 -18.96 10.45 -16.83
C2 0U E 20 -18.94 11.40 -15.79
O2 0U E 20 -19.16 11.02 -14.62
N3 0U E 20 -18.67 12.67 -16.07
C4 0U E 20 -18.43 13.07 -17.33
O4 0U E 20 -18.19 14.28 -17.56
C5 0U E 20 -18.46 12.15 -18.36
C6 0U E 20 -18.73 10.82 -18.09
P 0U E 21 -18.40 4.97 -15.11
OP1 0U E 21 -17.17 4.71 -15.95
OP2 0U E 21 -18.27 5.16 -13.63
O5' 0U E 21 -19.44 3.80 -15.33
C5' 0U E 21 -20.71 3.87 -14.71
C4' 0U E 21 -21.63 2.80 -15.25
O4' 0U E 21 -21.13 1.48 -14.97
C3' 0U E 21 -21.90 2.83 -16.76
O3' 0U E 21 -22.93 3.71 -17.11
C2' 0U E 21 -22.15 1.38 -17.12
O2' 0U E 21 -23.53 1.06 -16.92
C1' 0U E 21 -21.36 0.62 -16.06
N1 0U E 21 -20.07 0.11 -16.58
C2 0U E 21 -20.10 -0.98 -17.47
O2 0U E 21 -21.19 -1.48 -17.80
N3 0U E 21 -18.96 -1.49 -17.96
C4 0U E 21 -17.78 -0.97 -17.61
O4 0U E 21 -16.73 -1.46 -18.09
C5 0U E 21 -17.71 0.11 -16.73
C6 0U E 21 -18.89 0.64 -16.22
P 0G E 22 -23.18 4.09 -18.67
OP1 0G E 22 -21.89 3.95 -19.44
OP2 0G E 22 -23.89 5.41 -18.68
O5' 0G E 22 -24.18 2.97 -19.17
C5' 0G E 22 -25.56 3.01 -18.81
C4' 0G E 22 -26.38 2.22 -19.80
O4' 0G E 22 -25.70 0.96 -20.05
C3' 0G E 22 -26.55 2.91 -21.15
O3' 0G E 22 -27.88 2.69 -21.62
C2' 0G E 22 -25.59 2.16 -22.07
O2' 0G E 22 -26.00 2.10 -23.42
C1' 0G E 22 -25.52 0.77 -21.43
N9 0G E 22 -24.25 0.10 -21.67
C8 0G E 22 -23.05 0.52 -21.22
N7 0G E 22 -22.07 -0.31 -21.64
C6 0G E 22 -22.18 -2.44 -23.17
O6 0G E 22 -20.97 -2.72 -23.20
C5 0G E 22 -22.64 -1.26 -22.41
N1 0G E 22 -23.10 -3.17 -23.82
C2 0G E 22 -24.41 -2.87 -23.80
N2 0G E 22 -25.28 -3.66 -24.48
N3 0G E 22 -24.91 -1.81 -23.13
C4 0G E 22 -24.08 -0.98 -22.43
P 0U E 23 -28.92 3.90 -21.70
OP1 0U E 23 -30.28 3.24 -21.66
OP2 0U E 23 -28.54 4.91 -20.65
O5' 0U E 23 -28.70 4.54 -23.15
C5' 0U E 23 -27.56 5.35 -23.44
C4' 0U E 23 -27.73 6.11 -24.73
O4' 0U E 23 -28.83 7.05 -24.58
C3' 0U E 23 -28.04 5.27 -25.97
O3' 0U E 23 -27.31 5.79 -27.08
C2' 0U E 23 -29.52 5.53 -26.23
O2' 0U E 23 -29.91 5.42 -27.58
C1' 0U E 23 -29.68 6.95 -25.70
N1 0U E 23 -31.05 7.32 -25.30
C2 0U E 23 -31.67 6.74 -24.16
O2 0U E 23 -31.07 5.90 -23.45
N3 0U E 23 -32.92 7.10 -23.83
C4 0U E 23 -33.60 8.00 -24.56
O4 0U E 23 -34.75 8.32 -24.23
C5 0U E 23 -33.00 8.57 -25.68
C6 0U E 23 -31.71 8.21 -26.04
P 0U E 24 -25.85 5.24 -27.43
OP1 0U E 24 -25.44 4.23 -26.39
OP2 0U E 24 -24.97 6.43 -27.72
O5' 0U E 24 -26.05 4.48 -28.83
C5' 0U E 24 -26.98 3.40 -28.95
C4' 0U E 24 -26.35 2.22 -29.64
O4' 0U E 24 -25.27 1.72 -28.82
C3' 0U E 24 -25.76 2.51 -31.03
O3' 0U E 24 -26.08 1.44 -31.92
C2' 0U E 24 -24.25 2.46 -30.78
O2' 0U E 24 -23.47 2.04 -31.89
C1' 0U E 24 -24.15 1.46 -29.63
N1 0U E 24 -22.92 1.58 -28.85
C2 0U E 24 -21.99 0.53 -28.94
O2 0U E 24 -22.26 -0.48 -29.64
N3 0U E 24 -20.83 0.61 -28.28
C4 0U E 24 -20.56 1.69 -27.55
O4 0U E 24 -19.48 1.76 -26.93
C5 0U E 24 -21.46 2.74 -27.45
C6 0U E 24 -22.65 2.67 -28.14
P 0G E 25 -27.53 1.33 -32.60
OP1 0G E 25 -27.31 0.83 -34.02
OP2 0G E 25 -28.28 2.62 -32.37
O5' 0G E 25 -28.23 0.17 -31.78
C5' 0G E 25 -27.49 -0.99 -31.37
C4' 0G E 25 -27.89 -1.38 -29.97
O4' 0G E 25 -27.09 -0.64 -29.02
C3' 0G E 25 -27.72 -2.84 -29.57
O3' 0G E 25 -28.82 -3.66 -29.94
C2' 0G E 25 -27.47 -2.80 -28.06
O2' 0G E 25 -28.68 -3.02 -27.36
C1' 0G E 25 -27.04 -1.34 -27.81
N9 0G E 25 -25.68 -1.29 -27.26
C8 0G E 25 -25.28 -0.50 -26.23
N7 0G E 25 -23.97 -0.72 -25.93
C6 0G E 25 -22.23 -2.38 -26.98
O6 0G E 25 -21.22 -2.13 -26.28
C5 0G E 25 -23.52 -1.68 -26.77
N1 0G E 25 -22.20 -3.32 -27.95
C2 0G E 25 -23.26 -3.63 -28.72
N2 0G E 25 -23.15 -4.58 -29.67
N3 0G E 25 -24.46 -3.01 -28.57
C4 0G E 25 -24.66 -2.06 -27.62
P 0G E 26 -28.59 -4.89 -30.92
OP1 0G E 26 -29.94 -5.45 -31.27
OP2 0G E 26 -27.64 -4.45 -32.02
O5' 0G E 26 -27.84 -5.99 -30.04
C5' 0G E 26 -26.52 -6.40 -30.34
C4' 0G E 26 -26.32 -7.85 -30.00
O4' 0G E 26 -26.54 -8.09 -28.59
C3' 0G E 26 -24.94 -8.45 -30.33
O3' 0G E 26 -24.91 -9.18 -31.54
C2' 0G E 26 -24.55 -9.26 -29.09
O2' 0G E 26 -25.01 -10.61 -29.24
C1' 0G E 26 -25.39 -8.62 -28.00
N9 0G E 26 -24.66 -7.52 -27.32
C8 0G E 26 -25.19 -6.33 -26.99
N7 0G E 26 -24.28 -5.55 -26.35
C6 0G E 26 -21.79 -6.04 -25.66
O6 0G E 26 -21.49 -4.96 -25.11
C5 0G E 26 -23.15 -6.26 -26.24
N1 0G E 26 -20.90 -7.02 -25.76
C2 0G E 26 -21.19 -8.20 -26.36
N2 0G E 26 -20.24 -9.17 -26.42
N3 0G E 26 -22.40 -8.47 -26.89
C4 0G E 26 -23.41 -7.56 -26.87
P 0G E 27 -23.92 -8.72 -32.72
OP1 0G E 27 -24.38 -9.35 -34.00
OP2 0G E 27 -23.75 -7.21 -32.64
O5' 0G E 27 -22.52 -9.35 -32.32
C5' 0G E 27 -22.36 -10.74 -32.10
C4' 0G E 27 -20.96 -11.06 -31.65
O4' 0G E 27 -20.68 -10.29 -30.45
C3' 0G E 27 -19.88 -10.67 -32.65
O3' 0G E 27 -18.76 -11.53 -32.42
C2' 0G E 27 -19.48 -9.28 -32.20
O2' 0G E 27 -18.19 -8.86 -32.58
C1' 0G E 27 -19.62 -9.40 -30.68
N9 0G E 27 -19.92 -8.16 -29.98
C8 0G E 27 -21.10 -7.51 -29.97
N7 0G E 27 -21.01 -6.40 -29.20
C6 0G E 27 -19.00 -5.42 -27.83
O6 0G E 27 -19.53 -4.41 -27.34
C5 0G E 27 -19.77 -6.33 -28.71
N1 0G E 27 -17.72 -5.72 -27.57
C2 0G E 27 -17.11 -6.82 -28.08
N2 0G E 27 -15.82 -7.05 -27.78
N3 0G E 27 -17.76 -7.69 -28.89
C4 0G E 27 -19.05 -7.50 -29.23
O4 3KA E 28 -18.21 -11.94 -26.36
C4 3KA E 28 -18.37 -12.83 -27.22
N3 3KA E 28 -18.88 -14.02 -26.87
C2 3KA E 28 -19.04 -14.98 -27.79
O2 3KA E 28 -19.52 -16.10 -27.47
C5 3KA E 28 -18.01 -12.57 -28.54
C6 3KA E 28 -18.18 -13.56 -29.50
N1 3KA E 28 -18.67 -14.75 -29.12
C1' 3KA E 28 -18.91 -15.81 -30.10
O4' 3KA E 28 -19.95 -15.25 -30.92
C2' 3KA E 28 -17.78 -16.13 -31.07
C3' 3KA E 28 -18.56 -16.53 -32.31
O3' 3KA E 28 -19.05 -17.85 -32.09
C4' 3KA E 28 -19.78 -15.64 -32.28
C5' 3KA E 28 -19.68 -14.41 -33.17
O5' 3KA E 28 -18.33 -13.90 -33.19
P 3KA E 28 -18.06 -12.36 -33.59
OP1 3KA E 28 -18.77 -12.08 -34.90
OP2 3KA E 28 -16.57 -12.13 -33.45
P 0G E 29 -18.83 -19.00 -33.18
OP1 0G E 29 -19.84 -20.09 -32.91
OP2 0G E 29 -18.73 -18.38 -34.56
O5' 0G E 29 -17.38 -19.57 -32.85
C5' 0G E 29 -17.08 -20.25 -31.63
C4' 0G E 29 -15.75 -20.97 -31.74
O4' 0G E 29 -14.70 -19.98 -31.80
C3' 0G E 29 -15.60 -21.83 -32.98
O3' 0G E 29 -14.66 -22.87 -32.69
C2' 0G E 29 -14.92 -20.88 -33.97
O2' 0G E 29 -14.20 -21.53 -35.00
C1' 0G E 29 -14.03 -20.07 -33.05
N9 0G E 29 -13.73 -18.69 -33.46
C8 0G E 29 -14.51 -17.63 -33.21
N7 0G E 29 -13.93 -16.48 -33.64
C6 0G E 29 -11.61 -16.10 -34.81
O6 0G E 29 -11.66 -14.86 -34.96
C5 0G E 29 -12.74 -16.83 -34.17
N1 0G E 29 -10.55 -16.81 -35.21
C2 0G E 29 -10.49 -18.16 -35.06
N2 0G E 29 -9.37 -18.81 -35.50
N3 0G E 29 -11.47 -18.88 -34.48
C4 0G E 29 -12.60 -18.27 -34.03
O4 3KA E 30 -19.63 -30.03 -25.66
C4 3KA E 30 -19.10 -28.92 -25.88
N3 3KA E 30 -18.66 -28.61 -27.11
C2 3KA E 30 -18.10 -27.42 -27.36
O2 3KA E 30 -17.68 -27.17 -28.51
C5 3KA E 30 -19.00 -27.99 -24.85
C6 3KA E 30 -18.43 -26.75 -25.09
N1 3KA E 30 -17.98 -26.46 -26.32
C1' 3KA E 30 -17.37 -25.15 -26.56
O4' 3KA E 30 -16.09 -25.28 -27.19
C2' 3KA E 30 -18.23 -24.28 -27.46
C3' 3KA E 30 -17.18 -23.40 -28.13
O3' 3KA E 30 -16.89 -22.38 -27.19
C4' 3KA E 30 -15.93 -24.25 -28.17
C5' 3KA E 30 -15.68 -24.88 -29.53
O5' 3KA E 30 -15.55 -23.87 -30.54
P 3KA E 30 -15.15 -24.26 -32.05
OP1 3KA E 30 -13.96 -25.18 -32.04
OP2 3KA E 30 -16.40 -24.65 -32.82
P 0C E 31 -17.84 -21.11 -27.04
OP1 0C E 31 -18.96 -21.23 -28.05
OP2 0C E 31 -18.15 -20.91 -25.58
O5' 0C E 31 -16.90 -19.92 -27.51
C5' 0C E 31 -17.43 -18.63 -27.82
C4' 0C E 31 -16.30 -17.68 -28.07
O4' 0C E 31 -15.44 -18.24 -29.09
C3' 0C E 31 -15.44 -17.41 -26.84
O3' 0C E 31 -15.29 -16.01 -26.69
C2' 0C E 31 -14.09 -18.06 -27.18
O2' 0C E 31 -12.95 -17.40 -26.66
C1' 0C E 31 -14.10 -18.10 -28.70
N1 0C E 31 -13.32 -19.23 -29.24
C2 0C E 31 -12.28 -19.02 -30.16
O2 0C E 31 -12.00 -17.86 -30.56
N3 0C E 31 -11.56 -20.06 -30.62
C4 0C E 31 -11.84 -21.31 -30.19
N4 0C E 31 -11.11 -22.36 -30.66
C5 0C E 31 -12.86 -21.54 -29.29
C6 0C E 31 -13.61 -20.46 -28.82
P 0G E 32 -15.43 -15.33 -25.23
OP1 0G E 32 -16.69 -15.79 -24.53
OP2 0G E 32 -14.10 -15.49 -24.55
O5' 0G E 32 -15.60 -13.79 -25.56
C5' 0G E 32 -14.62 -13.11 -26.33
C4' 0G E 32 -13.83 -12.18 -25.46
O4' 0G E 32 -14.76 -11.31 -24.74
C3' 0G E 32 -12.87 -11.26 -26.21
O3' 0G E 32 -11.72 -11.04 -25.40
C2' 0G E 32 -13.65 -9.96 -26.29
O2' 0G E 32 -12.85 -8.80 -26.45
C1' 0G E 32 -14.40 -9.97 -24.97
N9 0G E 32 -15.61 -9.16 -24.98
C8 0G E 32 -16.74 -9.48 -25.64
N7 0G E 32 -17.67 -8.50 -25.48
C6 0G E 32 -17.55 -6.24 -24.19
O6 0G E 32 -18.71 -5.82 -24.44
C5 0G E 32 -17.12 -7.53 -24.72
N1 0G E 32 -16.68 -5.53 -23.45
C2 0G E 32 -15.44 -5.98 -23.19
N2 0G E 32 -14.63 -5.20 -22.44
N3 0G E 32 -14.97 -7.17 -23.64
C4 0G E 32 -15.75 -7.97 -24.40
P 0A E 33 -10.48 -12.05 -25.47
N1 0A E 33 -6.27 -17.44 -29.66
C2 0A E 33 -5.39 -16.44 -29.84
N3 0A E 33 -5.71 -15.14 -29.65
C4 0A E 33 -6.96 -14.77 -29.26
C5 0A E 33 -7.96 -15.82 -29.05
C6 0A E 33 -7.55 -17.22 -29.28
N6 0A E 33 -8.41 -18.26 -29.12
N7 0A E 33 -9.10 -15.19 -28.68
C8 0A E 33 -8.83 -13.85 -28.65
N9 0A E 33 -7.56 -13.60 -29.02
C1' 0A E 33 -6.87 -12.31 -29.07
C2' 0A E 33 -5.91 -12.20 -27.89
O2' 0A E 33 -4.88 -11.27 -28.23
C3' 0A E 33 -6.81 -11.60 -26.82
O3' 0A E 33 -6.14 -10.97 -25.73
C4' 0A E 33 -7.73 -10.68 -27.61
O4' 0A E 33 -7.82 -11.28 -28.93
C5' 0A E 33 -9.11 -10.46 -27.03
O5' 0A E 33 -9.77 -11.70 -26.84
OP1 0A E 33 -10.97 -13.47 -25.63
OP2 0A E 33 -9.55 -11.68 -24.34
P 0C E 34 -5.62 -11.84 -24.49
OP1 0C E 34 -6.64 -12.88 -24.08
OP2 0C E 34 -5.14 -10.88 -23.44
O5' 0C E 34 -4.37 -12.63 -25.07
C5' 0C E 34 -3.22 -11.94 -25.52
C4' 0C E 34 -2.16 -12.90 -25.99
O4' 0C E 34 -2.62 -13.65 -27.14
C3' 0C E 34 -1.72 -13.96 -24.98
O3' 0C E 34 -0.82 -13.50 -23.99
C2' 0C E 34 -1.19 -15.08 -25.87
O2' 0C E 34 0.11 -14.76 -26.35
C1' 0C E 34 -2.16 -15.00 -27.06
N1 0C E 34 -3.31 -15.92 -26.87
C2 0C E 34 -3.08 -17.31 -27.05
O2 0C E 34 -1.95 -17.72 -27.38
N3 0C E 34 -4.08 -18.19 -26.87
C4 0C E 34 -5.31 -17.77 -26.51
N4 0C E 34 -6.31 -18.67 -26.34
C5 0C E 34 -5.56 -16.41 -26.33
C6 0C E 34 -4.52 -15.49 -26.51
P 0G E 35 -1.00 -14.05 -22.49
OP1 0G E 35 -2.46 -14.09 -22.12
OP2 0G E 35 -0.05 -13.30 -21.57
O5' 0G E 35 -0.50 -15.56 -22.58
C5' 0G E 35 0.79 -15.86 -23.05
C4' 0G E 35 0.95 -17.31 -23.39
O4' 0G E 35 0.04 -17.70 -24.46
C3' 0G E 35 0.66 -18.29 -22.26
O3' 0G E 35 1.78 -18.50 -21.40
C2' 0G E 35 0.16 -19.54 -22.96
O2' 0G E 35 1.24 -20.33 -23.43
C1' 0G E 35 -0.55 -18.95 -24.18
N9 0G E 35 -1.99 -18.77 -23.93
C8 0G E 35 -2.66 -17.61 -23.78
N7 0G E 35 -3.98 -17.83 -23.55
C6 0G E 35 -5.33 -20.08 -23.38
O6 0G E 35 -6.48 -19.64 -23.16
C5 0G E 35 -4.17 -19.17 -23.55
N1 0G E 35 -5.09 -21.40 -23.45
C2 0G E 35 -3.86 -21.91 -23.68
N2 0G E 35 -3.72 -23.26 -23.74
N3 0G E 35 -2.76 -21.13 -23.85
C4 0G E 35 -2.86 -19.78 -23.80
P 0C E 36 1.55 -18.53 -19.81
OP1 0C E 36 2.90 -18.74 -19.17
OP2 0C E 36 0.73 -17.33 -19.40
O5' 0C E 36 0.66 -19.84 -19.59
C5' 0C E 36 1.19 -21.12 -19.86
C4' 0C E 36 0.12 -22.18 -19.78
O4' 0C E 36 -0.86 -22.03 -20.85
C3' 0C E 36 -0.71 -22.23 -18.51
O3' 0C E 36 -0.07 -22.84 -17.41
C2' 0C E 36 -2.01 -22.89 -18.96
O2' 0C E 36 -1.85 -24.29 -19.07
C1' 0C E 36 -2.16 -22.32 -20.37
N1 0C E 36 -2.97 -21.08 -20.34
C2 0C E 36 -4.38 -21.23 -20.23
O2 0C E 36 -4.88 -22.37 -20.19
N3 0C E 36 -5.17 -20.15 -20.18
C4 0C E 36 -4.63 -18.90 -20.23
N4 0C E 36 -5.45 -17.83 -20.18
C5 0C E 36 -3.25 -18.74 -20.32
C6 0C E 36 -2.43 -19.86 -20.37
P 0A E 37 -0.39 -22.30 -15.93
N1 0A E 37 -8.36 -18.92 -16.75
C2 0A E 37 -8.75 -20.19 -16.54
N3 0A E 37 -7.88 -21.23 -16.43
C4 0A E 37 -6.55 -21.02 -16.57
C5 0A E 37 -6.06 -19.65 -16.81
C6 0A E 37 -7.07 -18.58 -16.90
N6 0A E 37 -6.71 -17.28 -17.12
N7 0A E 37 -4.72 -19.75 -16.91
C8 0A E 37 -4.38 -21.06 -16.73
N9 0A E 37 -5.48 -21.81 -16.54
C1' 0A E 37 -5.53 -23.27 -16.34
C2' 0A E 37 -5.79 -23.67 -14.90
O2' 0A E 37 -6.52 -24.89 -14.93
C3' 0A E 37 -4.38 -23.93 -14.39
O3' 0A E 37 -4.32 -24.80 -13.28
C4' 0A E 37 -3.63 -24.45 -15.61
O4' 0A E 37 -4.30 -23.84 -16.74
C5' 0A E 37 -2.15 -24.19 -15.63
O5' 0A E 37 -1.87 -22.81 -15.65
OP1 0A E 37 0.56 -23.02 -14.99
OP2 0A E 37 -0.46 -20.79 -15.92
P 0DC E 38 -4.05 -24.21 -11.80
OP1 0DC E 38 -3.82 -25.41 -10.91
OP2 0DC E 38 -3.02 -23.12 -11.91
O5' 0DC E 38 -5.45 -23.52 -11.41
C5' 0DC E 38 -6.62 -24.32 -11.22
C4' 0DC E 38 -7.85 -23.46 -11.48
O4' 0DC E 38 -7.83 -22.83 -12.75
C3' 0DC E 38 -7.96 -22.32 -10.48
O3' 0DC E 38 -8.63 -22.74 -9.31
C2' 0DC E 38 -8.75 -21.27 -11.22
C1' 0DC E 38 -8.36 -21.50 -12.67
N1 0DC E 38 -7.36 -20.49 -13.01
C2 0DC E 38 -7.79 -19.19 -13.35
O2 0DC E 38 -9.01 -18.93 -13.34
N3 0DC E 38 -6.89 -18.23 -13.67
C4 0DC E 38 -5.57 -18.51 -13.67
N4 0DC E 38 -4.68 -17.54 -14.01
C5 0DC E 38 -5.12 -19.79 -13.34
C6 0DC E 38 -6.04 -20.78 -13.00
P 0G E 39 -8.56 -21.84 -7.98
OP1 0G E 39 -9.17 -22.63 -6.85
OP2 0G E 39 -7.16 -21.29 -7.83
O5' 0G E 39 -9.52 -20.62 -8.29
C5' 0G E 39 -10.91 -20.82 -8.44
C4' 0G E 39 -11.60 -19.54 -8.84
O4' 0G E 39 -11.13 -19.07 -10.12
C3' 0G E 39 -11.45 -18.34 -7.91
O3' 0G E 39 -12.32 -18.37 -6.80
C2' 0G E 39 -11.66 -17.16 -8.83
O2' 0G E 39 -13.05 -16.95 -9.06
C1' 0G E 39 -11.05 -17.65 -10.13
N9 0G E 39 -9.65 -17.24 -10.28
C8 0G E 39 -8.55 -18.00 -10.11
N7 0G E 39 -7.41 -17.28 -10.35
C6 0G E 39 -7.10 -14.76 -11.02
O6 0G E 39 -5.85 -14.71 -11.10
C5 0G E 39 -7.78 -16.03 -10.67
N1 0G E 39 -7.86 -13.69 -11.27
C2 0G E 39 -9.21 -13.72 -11.20
N2 0G E 39 -9.91 -12.58 -11.45
N3 0G E 39 -9.90 -14.84 -10.88
C4 0G E 39 -9.26 -16.00 -10.61
P 0C E 40 -11.91 -17.63 -5.44
OP1 0C E 40 -10.51 -18.04 -5.06
OP2 0C E 40 -13.07 -17.80 -4.50
O5' 0C E 40 -11.85 -16.10 -5.84
C5' 0C E 40 -13.04 -15.38 -6.11
C4' 0C E 40 -12.77 -13.96 -6.50
O4' 0C E 40 -11.95 -13.89 -7.69
C3' 0C E 40 -12.03 -13.10 -5.47
O3' 0C E 40 -12.88 -12.59 -4.47
C2' 0C E 40 -11.36 -12.03 -6.33
O2' 0C E 40 -12.28 -10.99 -6.62
C1' 0C E 40 -11.07 -12.79 -7.62
N1 0C E 40 -9.67 -13.26 -7.68
C2 0C E 40 -8.69 -12.31 -8.05
O2 0C E 40 -9.03 -11.15 -8.34
N3 0C E 40 -7.38 -12.65 -8.10
C4 0C E 40 -7.00 -13.91 -7.79
N4 0C E 40 -5.69 -14.24 -7.84
C5 0C E 40 -7.96 -14.85 -7.40
C6 0C E 40 -9.30 -14.50 -7.35
C ACT F . -7.84 6.35 -1.26
O ACT F . -7.32 5.35 -0.72
OXT ACT F . -7.34 7.45 -0.96
CH3 ACT F . -8.98 6.22 -2.22
CA CA G . 3.44 2.28 9.11
C ACT H . 33.52 -5.02 14.82
O ACT H . 34.20 -6.06 14.80
OXT ACT H . 34.16 -3.96 14.77
CH3 ACT H . 32.03 -5.05 14.90
C ACT I . 25.63 7.86 22.95
O ACT I . 24.97 6.80 22.93
OXT ACT I . 25.75 8.44 24.06
CH3 ACT I . 26.24 8.43 21.70
C ACT J . -19.07 -6.32 -12.15
O ACT J . -20.23 -6.59 -12.55
OXT ACT J . -18.97 -5.41 -11.30
CH3 ACT J . -17.86 -7.05 -12.67
CA CA K . -17.81 -16.85 -22.83
CA CA L . -9.44 5.06 12.07
CA CA M . 0.52 -7.85 7.98
MG MG N . 2.32 -2.28 8.61
C ACT O . -1.28 -1.46 26.63
O ACT O . -1.96 -0.77 25.84
OXT ACT O . -1.42 -1.22 27.85
CH3 ACT O . -0.34 -2.52 26.13
CA CA P . -19.45 -3.52 -25.04
CA CA Q . -7.44 -14.77 -22.85
MG MG R . -13.14 -16.06 -22.87
C ACT S . -0.46 -24.46 -24.20
O ACT S . -1.38 -25.12 -24.74
OXT ACT S . -0.03 -23.49 -24.87
CH3 ACT S . 0.07 -24.79 -22.84
#